data_3DSJ
#
_entry.id   3DSJ
#
_cell.length_a   63.441
_cell.length_b   105.021
_cell.length_c   162.335
_cell.angle_alpha   90.00
_cell.angle_beta   90.00
_cell.angle_gamma   90.00
#
_symmetry.space_group_name_H-M   'P 21 21 21'
#
loop_
_entity.id
_entity.type
_entity.pdbx_description
1 polymer 'Cytochrome P450 74A, chloroplast'
2 non-polymer 'PROTOPORPHYRIN IX CONTAINING FE'
3 non-polymer '(9Z,11E,13S)-13-hydroxyoctadeca-9,11-dienoic acid'
4 non-polymer N-OCTANE
5 non-polymer GLYCEROL
6 water water
#
_entity_poly.entity_id   1
_entity_poly.type   'polypeptide(L)'
_entity_poly.pdbx_seq_one_letter_code
;MAKKTSSGSETPDLTVATRTGSKDLPIRNIPGNYGLPIVGPIKDRWDYFYDQGAEEFFKSRIRKYNSTVYRVNMPPGAFI
AENPQVVALLDGKSFPVLFDVDKVEKKDLLTGTYMPSTELTGGYRILSYLDPSEPKHEKLKNLLFFLLKSSRNRIFPEFQ
ATYSELFDSLEKELSLKGKADFGGSSDGTAFNFLARAFYGTNPADTKLKADAPGLITKWVLFNLHPLLSIGLPRVIEEPL
IHTFSLPPALVKSDYQRLYEFFLESAGEILVEADKLGISREEATHNLLFATCFNTWGGMKILFPNMVKRIGRAGHQVHNR
LAEEIRSVIKSNGGELTMGAIEKMELTKSVVYECLRFEPPVTAQYGRAKKDLVIESHDAAFKVKAGEMLYGYQPLATRDP
KIFDRADEFVPERFVGEEGEKLLRHVLWSNGPETETPTVGNKQCAGKDFVVLVARLFVIEIFRRYDSFDIEVGTSPLGSS
VNFSSLRKASFHHHH
;
_entity_poly.pdbx_strand_id   A,B
#
loop_
_chem_comp.id
_chem_comp.type
_chem_comp.name
_chem_comp.formula
243 non-polymer '(9Z,11E,13S)-13-hydroxyoctadeca-9,11-dienoic acid' 'C18 H32 O3'
GOL non-polymer GLYCEROL 'C3 H8 O3'
HEM non-polymer 'PROTOPORPHYRIN IX CONTAINING FE' 'C34 H32 Fe N4 O4'
OCT non-polymer N-OCTANE 'C8 H18'
#
# COMPACT_ATOMS: atom_id res chain seq x y z
N LEU A 25 -40.08 -18.90 -14.00
CA LEU A 25 -38.72 -19.45 -13.80
C LEU A 25 -38.80 -20.91 -13.36
N PRO A 26 -37.84 -21.74 -13.82
CA PRO A 26 -37.77 -23.13 -13.37
C PRO A 26 -37.37 -23.19 -11.89
N ILE A 27 -37.92 -24.15 -11.17
CA ILE A 27 -37.51 -24.46 -9.80
C ILE A 27 -36.24 -25.30 -9.91
N ARG A 28 -35.18 -24.84 -9.27
CA ARG A 28 -33.90 -25.56 -9.22
C ARG A 28 -33.66 -26.03 -7.79
N ASN A 29 -33.04 -27.20 -7.67
CA ASN A 29 -32.50 -27.62 -6.37
C ASN A 29 -31.38 -26.66 -5.96
N ILE A 30 -31.33 -26.29 -4.68
CA ILE A 30 -30.25 -25.41 -4.21
C ILE A 30 -28.96 -26.21 -4.17
N PRO A 31 -27.95 -25.81 -4.98
CA PRO A 31 -26.70 -26.58 -5.02
C PRO A 31 -25.85 -26.28 -3.80
N GLY A 32 -24.73 -27.01 -3.69
CA GLY A 32 -23.78 -26.80 -2.63
C GLY A 32 -23.95 -27.83 -1.55
N ASN A 33 -22.94 -27.97 -0.71
CA ASN A 33 -23.09 -28.82 0.45
C ASN A 33 -22.18 -28.38 1.57
N TYR A 34 -22.38 -28.99 2.73
CA TYR A 34 -21.74 -28.53 3.96
C TYR A 34 -20.54 -29.37 4.36
N GLY A 35 -20.21 -30.38 3.56
CA GLY A 35 -19.07 -31.26 3.85
C GLY A 35 -19.34 -32.13 5.06
N LEU A 36 -18.27 -32.71 5.62
CA LEU A 36 -18.42 -33.56 6.81
C LEU A 36 -18.55 -32.72 8.07
N PRO A 37 -19.19 -33.28 9.12
CA PRO A 37 -19.20 -32.59 10.41
C PRO A 37 -17.80 -32.18 10.84
N ILE A 38 -17.71 -31.01 11.49
CA ILE A 38 -16.45 -30.44 12.00
C ILE A 38 -15.48 -29.98 10.90
N VAL A 39 -15.01 -30.90 10.06
CA VAL A 39 -13.94 -30.60 9.10
C VAL A 39 -14.42 -29.80 7.88
N GLY A 40 -15.66 -30.03 7.46
CA GLY A 40 -16.26 -29.25 6.35
C GLY A 40 -16.28 -27.77 6.68
N PRO A 41 -16.96 -27.39 7.79
CA PRO A 41 -16.94 -26.00 8.20
C PRO A 41 -15.54 -25.44 8.43
N ILE A 42 -14.61 -26.22 8.99
CA ILE A 42 -13.25 -25.70 9.21
C ILE A 42 -12.55 -25.35 7.89
N LYS A 43 -12.64 -26.25 6.91
CA LYS A 43 -12.06 -26.00 5.60
C LYS A 43 -12.68 -24.77 4.95
N ASP A 44 -14.01 -24.64 5.05
CA ASP A 44 -14.68 -23.45 4.49
C ASP A 44 -14.24 -22.15 5.19
N ARG A 45 -14.00 -22.23 6.49
CA ARG A 45 -13.52 -21.08 7.26
C ARG A 45 -12.11 -20.68 6.85
N TRP A 46 -11.26 -21.68 6.61
CA TRP A 46 -9.92 -21.43 6.09
C TRP A 46 -9.96 -20.75 4.73
N ASP A 47 -10.85 -21.20 3.85
CA ASP A 47 -10.98 -20.56 2.55
C ASP A 47 -11.40 -19.10 2.74
N TYR A 48 -12.43 -18.90 3.55
CA TYR A 48 -13.00 -17.58 3.76
C TYR A 48 -11.97 -16.59 4.28
N PHE A 49 -11.21 -16.98 5.31
CA PHE A 49 -10.29 -16.04 5.94
C PHE A 49 -8.91 -15.96 5.29
N TYR A 50 -8.40 -17.10 4.84
CA TYR A 50 -6.97 -17.21 4.53
C TYR A 50 -6.64 -17.53 3.07
N ASP A 51 -7.27 -18.57 2.54
CA ASP A 51 -6.84 -19.14 1.27
C ASP A 51 -7.54 -18.54 0.06
N GLN A 52 -8.72 -17.95 0.31
CA GLN A 52 -9.47 -17.25 -0.75
C GLN A 52 -9.84 -15.80 -0.44
N GLY A 53 -10.24 -15.54 0.81
CA GLY A 53 -10.82 -14.24 1.15
C GLY A 53 -12.30 -14.27 0.78
N ALA A 54 -13.09 -13.40 1.41
CA ALA A 54 -14.56 -13.49 1.27
C ALA A 54 -15.03 -13.42 -0.18
N GLU A 55 -14.52 -12.47 -0.96
CA GLU A 55 -15.06 -12.25 -2.29
C GLU A 55 -14.86 -13.50 -3.17
N GLU A 56 -13.64 -14.03 -3.18
CA GLU A 56 -13.35 -15.18 -4.01
C GLU A 56 -13.94 -16.46 -3.43
N PHE A 57 -14.08 -16.50 -2.11
CA PHE A 57 -14.80 -17.60 -1.45
C PHE A 57 -16.18 -17.75 -2.09
N PHE A 58 -16.90 -16.64 -2.21
CA PHE A 58 -18.24 -16.67 -2.81
C PHE A 58 -18.23 -16.82 -4.31
N LYS A 59 -17.32 -16.11 -4.98
CA LYS A 59 -17.31 -16.18 -6.44
C LYS A 59 -16.87 -17.54 -6.97
N SER A 60 -15.90 -18.18 -6.32
CA SER A 60 -15.45 -19.48 -6.79
C SER A 60 -16.59 -20.50 -6.73
N ARG A 61 -17.43 -20.38 -5.72
CA ARG A 61 -18.55 -21.30 -5.56
C ARG A 61 -19.70 -20.93 -6.51
N ILE A 62 -19.89 -19.65 -6.80
CA ILE A 62 -20.86 -19.29 -7.86
C ILE A 62 -20.45 -19.98 -9.15
N ARG A 63 -19.16 -19.94 -9.47
CA ARG A 63 -18.64 -20.60 -10.68
C ARG A 63 -18.82 -22.13 -10.59
N LYS A 64 -18.38 -22.75 -9.50
CA LYS A 64 -18.47 -24.21 -9.40
C LYS A 64 -19.93 -24.69 -9.53
N TYR A 65 -20.83 -24.02 -8.81
CA TYR A 65 -22.24 -24.46 -8.77
C TYR A 65 -23.10 -23.89 -9.89
N ASN A 66 -22.52 -22.94 -10.64
CA ASN A 66 -23.26 -22.21 -11.68
C ASN A 66 -24.57 -21.63 -11.12
N SER A 67 -24.44 -20.97 -9.97
CA SER A 67 -25.62 -20.46 -9.28
C SER A 67 -25.21 -19.33 -8.37
N THR A 68 -26.08 -18.31 -8.30
CA THR A 68 -25.88 -17.22 -7.31
C THR A 68 -26.67 -17.49 -6.02
N VAL A 69 -27.28 -18.68 -5.93
CA VAL A 69 -27.92 -19.15 -4.69
C VAL A 69 -27.40 -20.54 -4.40
N TYR A 70 -26.83 -20.74 -3.20
CA TYR A 70 -26.29 -22.05 -2.85
C TYR A 70 -26.10 -22.23 -1.36
N ARG A 71 -25.93 -23.48 -0.95
CA ARG A 71 -25.65 -23.82 0.45
C ARG A 71 -24.17 -23.72 0.72
N VAL A 72 -23.84 -23.12 1.86
CA VAL A 72 -22.44 -22.98 2.25
C VAL A 72 -22.36 -22.84 3.79
N ASN A 73 -21.25 -23.27 4.37
CA ASN A 73 -20.91 -23.00 5.78
C ASN A 73 -20.36 -21.59 5.91
N MET A 74 -20.82 -20.86 6.94
CA MET A 74 -20.27 -19.53 7.25
C MET A 74 -19.52 -19.54 8.60
N PRO A 75 -18.49 -18.69 8.73
CA PRO A 75 -17.85 -18.56 10.04
C PRO A 75 -18.85 -17.95 11.03
N PRO A 76 -18.65 -18.16 12.33
CA PRO A 76 -17.50 -18.79 12.97
C PRO A 76 -17.55 -20.30 13.19
N GLY A 77 -18.73 -20.90 13.15
CA GLY A 77 -18.88 -22.32 13.55
C GLY A 77 -18.21 -22.59 14.89
N ALA A 78 -17.44 -23.69 14.95
CA ALA A 78 -16.60 -24.08 16.09
C ALA A 78 -17.42 -24.08 17.35
N PHE A 79 -16.90 -23.48 18.41
CA PHE A 79 -17.66 -23.41 19.65
C PHE A 79 -18.38 -22.08 19.85
N ILE A 80 -18.44 -21.27 18.80
CA ILE A 80 -19.05 -19.94 18.92
C ILE A 80 -20.48 -19.95 18.36
N ALA A 81 -20.64 -20.55 17.18
CA ALA A 81 -21.97 -20.67 16.56
C ALA A 81 -22.45 -22.09 16.60
N GLU A 82 -23.73 -22.28 16.94
CA GLU A 82 -24.34 -23.59 16.98
C GLU A 82 -24.40 -24.25 15.59
N ASN A 83 -24.74 -23.45 14.58
CA ASN A 83 -25.03 -24.01 13.27
C ASN A 83 -24.51 -23.07 12.20
N PRO A 84 -23.46 -23.49 11.47
CA PRO A 84 -22.87 -22.63 10.44
C PRO A 84 -23.59 -22.68 9.08
N GLN A 85 -24.62 -23.51 8.97
CA GLN A 85 -25.25 -23.76 7.68
C GLN A 85 -26.19 -22.67 7.22
N VAL A 86 -25.92 -22.10 6.06
CA VAL A 86 -26.81 -21.09 5.48
C VAL A 86 -27.14 -21.39 4.02
N VAL A 87 -28.16 -20.69 3.52
CA VAL A 87 -28.39 -20.55 2.09
C VAL A 87 -27.97 -19.14 1.70
N ALA A 88 -26.99 -19.06 0.81
CA ALA A 88 -26.41 -17.77 0.41
C ALA A 88 -27.12 -17.18 -0.78
N LEU A 89 -27.40 -15.87 -0.74
CA LEU A 89 -28.09 -15.14 -1.80
C LEU A 89 -27.08 -14.12 -2.34
N LEU A 90 -26.67 -14.30 -3.60
CA LEU A 90 -25.49 -13.60 -4.11
C LEU A 90 -25.78 -12.89 -5.44
N ASP A 91 -27.00 -12.39 -5.54
CA ASP A 91 -27.38 -11.55 -6.68
C ASP A 91 -28.42 -10.55 -6.21
N GLY A 92 -28.62 -9.48 -6.98
CA GLY A 92 -29.51 -8.40 -6.55
C GLY A 92 -31.01 -8.61 -6.70
N LYS A 93 -31.41 -9.73 -7.32
CA LYS A 93 -32.82 -10.12 -7.42
C LYS A 93 -33.25 -10.95 -6.20
N SER A 94 -32.42 -11.90 -5.79
CA SER A 94 -32.71 -12.75 -4.63
C SER A 94 -32.45 -12.06 -3.28
N PHE A 95 -31.37 -11.29 -3.20
CA PHE A 95 -30.95 -10.63 -1.96
C PHE A 95 -32.09 -9.89 -1.21
N PRO A 96 -32.90 -9.08 -1.90
CA PRO A 96 -33.89 -8.29 -1.16
C PRO A 96 -34.93 -9.06 -0.31
N VAL A 97 -35.00 -10.38 -0.44
CA VAL A 97 -35.84 -11.15 0.49
C VAL A 97 -35.41 -10.85 1.93
N LEU A 98 -34.12 -10.53 2.12
CA LEU A 98 -33.55 -10.29 3.45
C LEU A 98 -34.13 -9.04 4.12
N PHE A 99 -34.79 -8.18 3.33
CA PHE A 99 -35.43 -6.97 3.87
C PHE A 99 -36.88 -7.20 4.27
N ASP A 100 -37.48 -8.28 3.78
CA ASP A 100 -38.90 -8.52 3.94
C ASP A 100 -39.22 -9.18 5.27
N VAL A 101 -39.68 -8.37 6.20
CA VAL A 101 -39.91 -8.78 7.57
C VAL A 101 -41.14 -9.71 7.73
N ASP A 102 -41.91 -9.86 6.65
CA ASP A 102 -42.97 -10.87 6.61
C ASP A 102 -42.42 -12.23 6.14
N LYS A 103 -41.21 -12.23 5.60
CA LYS A 103 -40.58 -13.47 5.13
C LYS A 103 -39.46 -13.94 6.05
N VAL A 104 -38.70 -13.00 6.60
CA VAL A 104 -37.60 -13.37 7.49
C VAL A 104 -37.75 -12.80 8.90
N GLU A 105 -37.33 -13.60 9.88
CA GLU A 105 -37.19 -13.13 11.25
C GLU A 105 -35.80 -12.49 11.37
N LYS A 106 -35.73 -11.38 12.10
CA LYS A 106 -34.49 -10.64 12.29
C LYS A 106 -34.13 -10.54 13.79
N LYS A 107 -34.16 -11.68 14.47
CA LYS A 107 -33.97 -11.74 15.92
C LYS A 107 -32.61 -12.37 16.22
N ASP A 108 -31.78 -11.63 16.96
CA ASP A 108 -30.51 -12.16 17.47
C ASP A 108 -29.53 -12.59 16.38
N LEU A 109 -29.59 -11.95 15.20
CA LEU A 109 -28.75 -12.37 14.08
C LEU A 109 -28.00 -11.23 13.40
N LEU A 110 -27.90 -10.10 14.08
CA LEU A 110 -27.10 -8.97 13.60
C LEU A 110 -25.73 -9.42 13.11
N THR A 111 -25.06 -10.26 13.91
CA THR A 111 -23.72 -10.71 13.59
C THR A 111 -23.67 -12.06 12.90
N GLY A 112 -24.84 -12.64 12.63
CA GLY A 112 -24.91 -13.89 11.90
C GLY A 112 -25.43 -15.06 12.71
N THR A 113 -24.71 -16.17 12.62
CA THR A 113 -25.11 -17.46 13.24
C THR A 113 -24.66 -17.59 14.70
N TYR A 114 -24.07 -16.53 15.25
CA TYR A 114 -23.82 -16.44 16.70
C TYR A 114 -24.30 -15.05 17.13
N MET A 115 -24.49 -14.86 18.44
CA MET A 115 -24.73 -13.53 18.97
C MET A 115 -23.76 -13.27 20.12
N PRO A 116 -23.12 -12.09 20.12
CA PRO A 116 -22.24 -11.78 21.25
C PRO A 116 -23.01 -11.81 22.58
N SER A 117 -22.34 -12.26 23.64
CA SER A 117 -22.98 -12.31 24.96
C SER A 117 -23.64 -10.98 25.33
N THR A 118 -24.83 -11.06 25.92
CA THR A 118 -25.44 -9.84 26.45
C THR A 118 -24.66 -9.27 27.63
N GLU A 119 -23.68 -10.02 28.15
CA GLU A 119 -22.75 -9.47 29.14
C GLU A 119 -21.94 -8.32 28.58
N LEU A 120 -21.83 -8.26 27.24
CA LEU A 120 -21.12 -7.18 26.58
C LEU A 120 -21.96 -5.91 26.44
N THR A 121 -23.24 -6.03 26.75
CA THR A 121 -24.18 -4.92 26.52
C THR A 121 -25.09 -4.71 27.71
N GLY A 122 -24.51 -4.75 28.91
CA GLY A 122 -25.23 -4.47 30.16
C GLY A 122 -26.32 -5.45 30.53
N GLY A 123 -26.32 -6.61 29.90
CA GLY A 123 -27.35 -7.61 30.15
C GLY A 123 -28.58 -7.47 29.27
N TYR A 124 -28.56 -6.47 28.37
CA TYR A 124 -29.68 -6.25 27.48
C TYR A 124 -29.45 -6.84 26.09
N ARG A 125 -30.53 -7.29 25.46
CA ARG A 125 -30.57 -7.50 24.01
C ARG A 125 -30.85 -6.12 23.41
N ILE A 126 -29.82 -5.57 22.76
CA ILE A 126 -29.84 -4.22 22.19
C ILE A 126 -30.75 -4.16 20.94
N LEU A 127 -31.22 -2.95 20.62
CA LEU A 127 -32.13 -2.72 19.50
C LEU A 127 -31.79 -3.48 18.22
N SER A 128 -30.53 -3.43 17.80
CA SER A 128 -30.16 -4.05 16.52
C SER A 128 -30.41 -5.56 16.47
N TYR A 129 -30.56 -6.18 17.64
CA TYR A 129 -30.82 -7.64 17.71
C TYR A 129 -32.30 -7.97 17.82
N LEU A 130 -33.15 -6.94 17.89
CA LEU A 130 -34.58 -7.14 18.15
C LEU A 130 -35.35 -7.29 16.85
N ASP A 131 -36.28 -8.24 16.81
CA ASP A 131 -37.18 -8.38 15.67
C ASP A 131 -38.26 -7.28 15.75
N PRO A 132 -38.74 -6.74 14.62
CA PRO A 132 -39.79 -5.71 14.72
C PRO A 132 -41.07 -6.15 15.47
N SER A 133 -41.30 -7.45 15.58
CA SER A 133 -42.42 -7.99 16.38
C SER A 133 -42.28 -7.73 17.89
N GLU A 134 -41.08 -7.35 18.33
CA GLU A 134 -40.81 -7.07 19.75
C GLU A 134 -41.13 -5.59 20.05
N PRO A 135 -42.02 -5.33 21.02
CA PRO A 135 -42.45 -3.94 21.28
C PRO A 135 -41.32 -2.94 21.53
N LYS A 136 -40.23 -3.36 22.18
CA LYS A 136 -39.12 -2.44 22.46
C LYS A 136 -38.37 -2.04 21.19
N HIS A 137 -38.51 -2.82 20.11
CA HIS A 137 -37.92 -2.41 18.82
C HIS A 137 -38.47 -1.05 18.37
N GLU A 138 -39.79 -0.89 18.43
CA GLU A 138 -40.42 0.37 18.07
C GLU A 138 -39.97 1.50 18.99
N LYS A 139 -39.98 1.27 20.31
CA LYS A 139 -39.59 2.30 21.27
C LYS A 139 -38.15 2.78 21.07
N LEU A 140 -37.23 1.82 20.95
CA LEU A 140 -35.82 2.14 20.85
C LEU A 140 -35.46 2.78 19.52
N LYS A 141 -36.11 2.33 18.45
CA LYS A 141 -35.82 2.93 17.15
C LYS A 141 -36.34 4.36 17.11
N ASN A 142 -37.52 4.58 17.70
CA ASN A 142 -38.05 5.94 17.85
C ASN A 142 -37.08 6.82 18.65
N LEU A 143 -36.47 6.27 19.71
CA LEU A 143 -35.48 7.03 20.46
C LEU A 143 -34.32 7.49 19.58
N LEU A 144 -33.83 6.60 18.72
CA LEU A 144 -32.72 6.96 17.85
C LEU A 144 -33.15 7.94 16.78
N PHE A 145 -34.37 7.80 16.25
CA PHE A 145 -34.87 8.81 15.32
C PHE A 145 -34.88 10.18 15.98
N PHE A 146 -35.28 10.24 17.26
CA PHE A 146 -35.28 11.51 18.00
C PHE A 146 -33.86 12.04 18.18
N LEU A 147 -32.93 11.15 18.52
CA LEU A 147 -31.54 11.55 18.71
C LEU A 147 -31.05 12.25 17.45
N LEU A 148 -31.33 11.63 16.31
CA LEU A 148 -30.85 12.15 15.03
C LEU A 148 -31.53 13.48 14.69
N LYS A 149 -32.85 13.55 14.84
CA LYS A 149 -33.57 14.79 14.55
C LYS A 149 -33.13 15.94 15.45
N SER A 150 -32.94 15.64 16.74
CA SER A 150 -32.57 16.67 17.70
C SER A 150 -31.15 17.22 17.50
N SER A 151 -30.31 16.46 16.78
N SER A 151 -30.31 16.47 16.77
CA SER A 151 -28.93 16.84 16.52
CA SER A 151 -28.94 16.89 16.54
C SER A 151 -28.78 17.70 15.25
C SER A 151 -28.78 17.67 15.24
N ARG A 152 -29.90 17.86 14.53
CA ARG A 152 -29.85 18.44 13.16
C ARG A 152 -29.14 19.78 13.01
N ASN A 153 -29.24 20.65 14.02
CA ASN A 153 -28.61 21.96 13.95
C ASN A 153 -27.18 21.99 14.49
N ARG A 154 -26.70 20.85 14.98
CA ARG A 154 -25.32 20.73 15.46
C ARG A 154 -24.41 20.02 14.47
N ILE A 155 -24.99 19.22 13.59
CA ILE A 155 -24.19 18.37 12.70
C ILE A 155 -23.20 19.15 11.82
N PHE A 156 -23.69 20.19 11.14
CA PHE A 156 -22.83 20.90 10.19
C PHE A 156 -21.67 21.61 10.90
N PRO A 157 -21.97 22.47 11.89
CA PRO A 157 -20.85 23.14 12.58
C PRO A 157 -19.90 22.21 13.30
N GLU A 158 -20.40 21.14 13.92
CA GLU A 158 -19.50 20.25 14.66
C GLU A 158 -18.68 19.39 13.70
N PHE A 159 -19.28 18.97 12.57
CA PHE A 159 -18.52 18.24 11.57
C PHE A 159 -17.38 19.11 11.04
N GLN A 160 -17.72 20.34 10.64
N GLN A 160 -17.72 20.34 10.63
CA GLN A 160 -16.75 21.25 10.05
CA GLN A 160 -16.72 21.26 10.08
C GLN A 160 -15.59 21.57 11.02
C GLN A 160 -15.57 21.43 11.06
N ALA A 161 -15.90 21.76 12.31
CA ALA A 161 -14.88 22.07 13.33
C ALA A 161 -13.95 20.88 13.63
N THR A 162 -14.55 19.69 13.79
CA THR A 162 -13.75 18.52 14.18
C THR A 162 -12.94 17.99 13.02
N TYR A 163 -13.55 17.94 11.83
CA TYR A 163 -12.82 17.48 10.64
C TYR A 163 -11.78 18.47 10.16
N SER A 164 -11.99 19.77 10.41
CA SER A 164 -10.93 20.74 10.12
C SER A 164 -9.69 20.46 10.95
N GLU A 165 -9.88 20.16 12.24
CA GLU A 165 -8.79 19.77 13.13
C GLU A 165 -8.09 18.50 12.60
N LEU A 166 -8.86 17.55 12.08
CA LEU A 166 -8.28 16.32 11.53
C LEU A 166 -7.34 16.63 10.36
N PHE A 167 -7.83 17.39 9.41
CA PHE A 167 -7.01 17.73 8.25
C PHE A 167 -5.79 18.57 8.62
N ASP A 168 -5.94 19.46 9.61
CA ASP A 168 -4.77 20.14 10.18
C ASP A 168 -3.72 19.12 10.66
N SER A 169 -4.16 18.10 11.40
N SER A 169 -4.17 18.10 11.39
CA SER A 169 -3.25 17.09 11.96
CA SER A 169 -3.29 17.08 11.96
C SER A 169 -2.59 16.24 10.86
C SER A 169 -2.61 16.23 10.88
N LEU A 170 -3.35 15.95 9.80
CA LEU A 170 -2.84 15.17 8.69
C LEU A 170 -1.78 15.95 7.91
N GLU A 171 -2.02 17.24 7.69
CA GLU A 171 -1.02 18.10 7.06
C GLU A 171 0.25 18.11 7.89
N LYS A 172 0.08 18.24 9.20
CA LYS A 172 1.20 18.22 10.15
C LYS A 172 2.00 16.93 10.03
N GLU A 173 1.30 15.80 10.07
CA GLU A 173 1.94 14.50 9.99
C GLU A 173 2.64 14.27 8.64
N LEU A 174 1.99 14.66 7.56
CA LEU A 174 2.60 14.59 6.21
C LEU A 174 3.91 15.38 6.17
N SER A 175 3.93 16.57 6.77
CA SER A 175 5.14 17.39 6.72
C SER A 175 6.30 16.74 7.49
N LEU A 176 5.97 15.99 8.54
CA LEU A 176 6.97 15.35 9.38
C LEU A 176 7.48 14.04 8.76
N LYS A 177 6.54 13.22 8.28
CA LYS A 177 6.83 11.82 7.89
C LYS A 177 6.77 11.54 6.39
N GLY A 178 6.21 12.46 5.61
CA GLY A 178 6.04 12.24 4.17
C GLY A 178 4.82 11.38 3.88
N LYS A 179 4.11 11.01 4.93
CA LYS A 179 2.82 10.29 4.81
C LYS A 179 2.02 10.53 6.09
N ALA A 180 0.70 10.48 5.99
CA ALA A 180 -0.16 10.72 7.14
C ALA A 180 -1.19 9.61 7.23
N ASP A 181 -1.15 8.86 8.33
CA ASP A 181 -2.07 7.76 8.59
C ASP A 181 -3.46 8.31 8.87
N PHE A 182 -4.41 8.00 8.00
CA PHE A 182 -5.76 8.54 8.16
C PHE A 182 -6.47 7.94 9.36
N GLY A 183 -6.46 6.61 9.46
CA GLY A 183 -7.31 5.89 10.41
C GLY A 183 -7.04 6.16 11.87
N GLY A 184 -5.77 6.31 12.22
CA GLY A 184 -5.37 6.48 13.61
C GLY A 184 -5.47 7.90 14.17
N SER A 185 -5.97 8.82 13.35
CA SER A 185 -6.42 10.12 13.83
C SER A 185 -7.91 10.26 13.59
N SER A 186 -8.39 9.73 12.47
CA SER A 186 -9.80 9.88 12.10
C SER A 186 -10.78 9.21 13.07
N ASP A 187 -10.33 8.17 13.77
CA ASP A 187 -11.19 7.50 14.78
C ASP A 187 -11.47 8.44 15.97
N GLY A 188 -10.47 9.20 16.39
CA GLY A 188 -10.69 10.17 17.46
C GLY A 188 -11.63 11.27 16.97
N THR A 189 -11.39 11.75 15.75
CA THR A 189 -12.21 12.78 15.15
C THR A 189 -13.66 12.34 15.11
N ALA A 190 -13.89 11.10 14.67
CA ALA A 190 -15.28 10.61 14.55
C ALA A 190 -15.95 10.59 15.92
N PHE A 191 -15.26 10.08 16.95
CA PHE A 191 -15.93 10.05 18.25
C PHE A 191 -16.20 11.44 18.79
N ASN A 192 -15.20 12.33 18.67
CA ASN A 192 -15.38 13.70 19.13
C ASN A 192 -16.55 14.36 18.40
N PHE A 193 -16.62 14.19 17.09
CA PHE A 193 -17.73 14.72 16.30
C PHE A 193 -19.08 14.20 16.80
N LEU A 194 -19.18 12.89 17.00
CA LEU A 194 -20.44 12.30 17.46
C LEU A 194 -20.84 12.78 18.85
N ALA A 195 -19.87 12.86 19.77
CA ALA A 195 -20.14 13.34 21.13
C ALA A 195 -20.67 14.78 21.10
N ARG A 196 -20.04 15.61 20.28
CA ARG A 196 -20.42 17.03 20.17
C ARG A 196 -21.74 17.20 19.43
N ALA A 197 -21.94 16.47 18.34
CA ALA A 197 -23.16 16.58 17.56
C ALA A 197 -24.38 15.98 18.27
N PHE A 198 -24.25 14.76 18.77
CA PHE A 198 -25.40 14.09 19.40
C PHE A 198 -25.69 14.61 20.80
N TYR A 199 -24.64 14.89 21.57
CA TYR A 199 -24.79 15.13 23.01
C TYR A 199 -24.30 16.49 23.49
N GLY A 200 -23.88 17.35 22.56
CA GLY A 200 -23.30 18.66 22.90
C GLY A 200 -22.15 18.59 23.90
N THR A 201 -21.38 17.49 23.82
CA THR A 201 -20.33 17.19 24.80
C THR A 201 -18.99 16.96 24.10
N ASN A 202 -17.97 17.70 24.54
CA ASN A 202 -16.62 17.48 24.06
C ASN A 202 -15.95 16.47 25.00
N PRO A 203 -15.56 15.28 24.48
CA PRO A 203 -14.94 14.25 25.33
C PRO A 203 -13.72 14.73 26.12
N ALA A 204 -13.02 15.74 25.59
CA ALA A 204 -11.84 16.32 26.26
C ALA A 204 -12.21 16.92 27.61
N ASP A 205 -13.44 17.38 27.72
CA ASP A 205 -13.99 18.00 28.94
C ASP A 205 -14.51 16.96 29.94
N THR A 206 -14.32 15.68 29.62
CA THR A 206 -14.86 14.59 30.44
C THR A 206 -13.77 13.60 30.89
N LYS A 207 -14.16 12.62 31.70
CA LYS A 207 -13.23 11.58 32.15
C LYS A 207 -12.74 10.66 31.03
N LEU A 208 -13.45 10.63 29.89
CA LEU A 208 -13.00 9.84 28.75
C LEU A 208 -11.77 10.42 28.09
N LYS A 209 -11.58 11.73 28.22
CA LYS A 209 -10.43 12.44 27.62
C LYS A 209 -10.33 12.06 26.12
N ALA A 210 -9.20 11.48 25.70
CA ALA A 210 -9.02 11.03 24.31
C ALA A 210 -9.02 9.50 24.19
N ASP A 211 -9.50 8.81 25.24
CA ASP A 211 -9.44 7.35 25.35
C ASP A 211 -10.53 6.58 24.58
N ALA A 212 -11.58 7.27 24.14
CA ALA A 212 -12.73 6.52 23.60
C ALA A 212 -12.40 5.55 22.46
N PRO A 213 -11.64 5.98 21.44
CA PRO A 213 -11.34 5.03 20.36
C PRO A 213 -10.72 3.72 20.84
N GLY A 214 -9.76 3.78 21.76
CA GLY A 214 -9.16 2.56 22.27
C GLY A 214 -10.15 1.67 23.00
N LEU A 215 -11.01 2.29 23.81
CA LEU A 215 -12.02 1.57 24.57
C LEU A 215 -13.01 0.88 23.65
N ILE A 216 -13.52 1.64 22.68
CA ILE A 216 -14.50 1.10 21.74
C ILE A 216 -13.88 0.01 20.87
N THR A 217 -12.64 0.22 20.40
CA THR A 217 -11.98 -0.77 19.55
C THR A 217 -11.88 -2.13 20.29
N LYS A 218 -11.45 -2.09 21.56
CA LYS A 218 -11.33 -3.34 22.33
C LYS A 218 -12.71 -3.99 22.48
N TRP A 219 -13.71 -3.17 22.84
CA TRP A 219 -15.05 -3.71 23.03
C TRP A 219 -15.62 -4.28 21.72
N VAL A 220 -15.40 -3.58 20.61
CA VAL A 220 -15.85 -4.10 19.30
C VAL A 220 -15.16 -5.42 18.99
N LEU A 221 -13.85 -5.52 19.28
CA LEU A 221 -13.12 -6.77 19.08
C LEU A 221 -13.76 -7.91 19.87
N PHE A 222 -14.15 -7.64 21.11
CA PHE A 222 -14.78 -8.70 21.90
C PHE A 222 -16.12 -9.15 21.33
N ASN A 223 -16.80 -8.26 20.60
CA ASN A 223 -18.06 -8.57 19.95
C ASN A 223 -17.86 -9.32 18.62
N LEU A 224 -16.91 -8.85 17.82
CA LEU A 224 -16.81 -9.27 16.41
C LEU A 224 -15.64 -10.16 16.04
N HIS A 225 -14.77 -10.49 16.99
CA HIS A 225 -13.59 -11.30 16.65
C HIS A 225 -13.86 -12.58 15.83
N PRO A 226 -15.02 -13.26 16.04
CA PRO A 226 -15.26 -14.50 15.27
C PRO A 226 -15.39 -14.26 13.77
N LEU A 227 -15.62 -13.00 13.41
CA LEU A 227 -15.89 -12.62 12.03
C LEU A 227 -14.70 -11.99 11.30
N LEU A 228 -13.60 -11.75 12.03
CA LEU A 228 -12.50 -10.92 11.54
C LEU A 228 -11.19 -11.70 11.53
N SER A 229 -10.27 -11.28 10.66
CA SER A 229 -8.88 -11.68 10.81
C SER A 229 -8.09 -10.43 11.18
N ILE A 230 -7.13 -10.61 12.07
N ILE A 230 -7.14 -10.58 12.09
CA ILE A 230 -6.30 -9.49 12.52
CA ILE A 230 -6.27 -9.47 12.49
C ILE A 230 -4.86 -9.62 11.97
C ILE A 230 -5.15 -9.32 11.47
N GLY A 231 -4.72 -10.46 10.93
CA GLY A 231 -3.48 -10.52 10.14
C GLY A 231 -2.50 -11.57 10.63
N LEU A 232 -2.69 -12.01 11.87
CA LEU A 232 -1.83 -13.04 12.47
C LEU A 232 -1.91 -14.36 11.68
N PRO A 233 -0.86 -15.20 11.76
CA PRO A 233 -0.90 -16.52 11.13
C PRO A 233 -2.08 -17.35 11.64
N ARG A 234 -2.65 -18.21 10.79
CA ARG A 234 -3.85 -18.98 11.19
C ARG A 234 -3.59 -19.90 12.39
N VAL A 235 -2.34 -20.36 12.56
CA VAL A 235 -2.02 -21.21 13.71
C VAL A 235 -2.21 -20.48 15.05
N ILE A 236 -2.04 -19.16 15.04
CA ILE A 236 -2.32 -18.34 16.22
C ILE A 236 -3.79 -17.90 16.23
N GLU A 237 -4.23 -17.27 15.14
CA GLU A 237 -5.60 -16.78 15.05
C GLU A 237 -6.70 -17.78 15.30
N GLU A 238 -6.58 -18.97 14.74
CA GLU A 238 -7.67 -19.92 14.78
C GLU A 238 -8.06 -20.28 16.22
N PRO A 239 -7.09 -20.74 17.05
CA PRO A 239 -7.44 -21.01 18.45
C PRO A 239 -7.73 -19.77 19.31
N LEU A 240 -7.13 -18.63 18.96
CA LEU A 240 -7.23 -17.44 19.77
C LEU A 240 -8.53 -16.66 19.56
N ILE A 241 -8.94 -16.49 18.31
CA ILE A 241 -10.15 -15.71 18.03
C ILE A 241 -11.25 -16.41 17.22
N HIS A 242 -10.97 -17.60 16.69
CA HIS A 242 -11.96 -18.27 15.85
C HIS A 242 -12.60 -19.54 16.39
N THR A 243 -12.28 -19.92 17.63
CA THR A 243 -12.75 -21.19 18.18
C THR A 243 -13.70 -21.00 19.37
N PHE A 244 -13.35 -20.08 20.25
CA PHE A 244 -14.15 -19.76 21.45
C PHE A 244 -14.35 -18.24 21.55
N SER A 245 -15.39 -17.83 22.27
CA SER A 245 -15.61 -16.41 22.54
C SER A 245 -14.59 -15.85 23.53
N LEU A 246 -14.12 -14.63 23.26
CA LEU A 246 -13.30 -13.93 24.25
C LEU A 246 -14.17 -13.60 25.48
N PRO A 247 -13.61 -13.71 26.68
CA PRO A 247 -14.47 -13.54 27.86
C PRO A 247 -14.92 -12.09 28.09
N PRO A 248 -16.24 -11.84 28.14
CA PRO A 248 -16.71 -10.47 28.34
C PRO A 248 -16.18 -9.78 29.61
N ALA A 249 -15.85 -10.55 30.65
CA ALA A 249 -15.32 -9.96 31.88
C ALA A 249 -14.11 -9.06 31.64
N LEU A 250 -13.31 -9.36 30.60
CA LEU A 250 -12.07 -8.64 30.37
C LEU A 250 -12.25 -7.26 29.75
N VAL A 251 -13.48 -6.94 29.34
CA VAL A 251 -13.75 -5.63 28.77
C VAL A 251 -14.81 -4.86 29.59
N LYS A 252 -15.25 -5.44 30.70
CA LYS A 252 -16.32 -4.85 31.48
C LYS A 252 -15.94 -3.47 32.04
N SER A 253 -14.72 -3.33 32.58
CA SER A 253 -14.30 -2.03 33.11
C SER A 253 -14.20 -0.95 32.03
N ASP A 254 -13.70 -1.32 30.83
CA ASP A 254 -13.66 -0.38 29.71
C ASP A 254 -15.06 0.05 29.30
N TYR A 255 -15.98 -0.91 29.25
CA TYR A 255 -17.36 -0.63 28.87
C TYR A 255 -17.99 0.30 29.91
N GLN A 256 -17.67 0.09 31.18
CA GLN A 256 -18.21 0.94 32.23
C GLN A 256 -17.79 2.40 32.08
N ARG A 257 -16.57 2.62 31.58
CA ARG A 257 -16.11 3.99 31.33
C ARG A 257 -16.99 4.64 30.26
N LEU A 258 -17.27 3.88 29.20
CA LEU A 258 -18.17 4.36 28.15
C LEU A 258 -19.59 4.59 28.69
N TYR A 259 -20.10 3.63 29.46
CA TYR A 259 -21.45 3.74 30.01
C TYR A 259 -21.61 5.02 30.84
N GLU A 260 -20.66 5.31 31.72
N GLU A 260 -20.65 5.27 31.73
CA GLU A 260 -20.74 6.51 32.56
CA GLU A 260 -20.63 6.48 32.55
C GLU A 260 -20.69 7.81 31.73
C GLU A 260 -20.74 7.74 31.68
N PHE A 261 -19.93 7.80 30.63
CA PHE A 261 -19.91 8.95 29.72
C PHE A 261 -21.29 9.19 29.11
N PHE A 262 -21.93 8.13 28.63
CA PHE A 262 -23.27 8.26 28.03
C PHE A 262 -24.34 8.64 29.05
N LEU A 263 -24.28 8.02 30.21
CA LEU A 263 -25.23 8.31 31.27
C LEU A 263 -25.19 9.80 31.61
N GLU A 264 -23.98 10.35 31.69
CA GLU A 264 -23.80 11.73 32.14
C GLU A 264 -23.96 12.76 31.05
N SER A 265 -23.73 12.35 29.80
CA SER A 265 -23.74 13.27 28.67
C SER A 265 -25.08 13.32 27.92
N ALA A 266 -25.91 12.29 28.07
CA ALA A 266 -27.09 12.14 27.22
C ALA A 266 -28.39 12.63 27.86
N GLY A 267 -28.28 13.53 28.84
CA GLY A 267 -29.44 14.01 29.59
C GLY A 267 -30.66 14.37 28.76
N GLU A 268 -30.48 15.21 27.74
CA GLU A 268 -31.59 15.66 26.90
C GLU A 268 -32.28 14.49 26.19
N ILE A 269 -31.49 13.57 25.65
CA ILE A 269 -32.04 12.39 24.97
C ILE A 269 -32.74 11.44 25.94
N LEU A 270 -32.22 11.38 27.17
CA LEU A 270 -32.80 10.50 28.21
C LEU A 270 -34.17 10.98 28.68
N VAL A 271 -34.39 12.29 28.56
CA VAL A 271 -35.73 12.84 28.80
C VAL A 271 -36.72 12.25 27.78
N GLU A 272 -36.34 12.22 26.50
CA GLU A 272 -37.21 11.61 25.51
C GLU A 272 -37.38 10.12 25.74
N ALA A 273 -36.30 9.44 26.13
CA ALA A 273 -36.38 8.02 26.46
C ALA A 273 -37.46 7.80 27.52
N ASP A 274 -37.49 8.66 28.53
CA ASP A 274 -38.47 8.57 29.60
C ASP A 274 -39.89 8.69 29.04
N LYS A 275 -40.10 9.67 28.15
CA LYS A 275 -41.41 9.89 27.51
C LYS A 275 -41.87 8.72 26.62
N LEU A 276 -40.91 8.08 25.96
CA LEU A 276 -41.18 6.90 25.14
C LEU A 276 -41.39 5.64 25.98
N GLY A 277 -41.20 5.75 27.28
CA GLY A 277 -41.37 4.62 28.17
C GLY A 277 -40.23 3.62 28.09
N ILE A 278 -39.00 4.13 28.07
CA ILE A 278 -37.81 3.30 28.10
C ILE A 278 -37.06 3.60 29.40
N SER A 279 -36.59 2.57 30.10
CA SER A 279 -35.82 2.79 31.33
C SER A 279 -34.53 3.55 31.04
N ARG A 280 -34.09 4.34 32.01
CA ARG A 280 -32.85 5.14 31.86
C ARG A 280 -31.67 4.21 31.55
N GLU A 281 -31.59 3.09 32.26
CA GLU A 281 -30.51 2.13 32.07
C GLU A 281 -30.54 1.53 30.66
N GLU A 282 -31.70 1.04 30.23
CA GLU A 282 -31.83 0.43 28.90
C GLU A 282 -31.55 1.46 27.81
N ALA A 283 -32.06 2.69 27.98
CA ALA A 283 -31.81 3.74 27.00
C ALA A 283 -30.32 4.02 26.89
N THR A 284 -29.64 4.07 28.04
CA THR A 284 -28.20 4.40 28.04
C THR A 284 -27.37 3.33 27.32
N HIS A 285 -27.61 2.06 27.61
CA HIS A 285 -26.90 0.99 26.88
C HIS A 285 -27.20 1.05 25.39
N ASN A 286 -28.44 1.36 25.05
CA ASN A 286 -28.79 1.51 23.63
C ASN A 286 -28.14 2.71 22.94
N LEU A 287 -28.04 3.83 23.64
CA LEU A 287 -27.35 5.01 23.08
C LEU A 287 -25.86 4.70 22.92
N LEU A 288 -25.28 4.05 23.91
CA LEU A 288 -23.88 3.63 23.82
C LEU A 288 -23.66 2.77 22.58
N PHE A 289 -24.51 1.75 22.40
CA PHE A 289 -24.35 0.85 21.26
C PHE A 289 -24.53 1.56 19.92
N ALA A 290 -25.60 2.34 19.80
CA ALA A 290 -25.87 3.03 18.55
C ALA A 290 -24.75 3.99 18.20
N THR A 291 -24.20 4.65 19.21
CA THR A 291 -23.14 5.64 18.96
C THR A 291 -21.79 4.98 18.70
N CYS A 292 -21.42 4.01 19.54
CA CYS A 292 -20.09 3.41 19.45
C CYS A 292 -19.97 2.30 18.43
N PHE A 293 -20.97 1.41 18.39
CA PHE A 293 -20.93 0.27 17.47
C PHE A 293 -21.48 0.69 16.11
N ASN A 294 -22.77 1.01 16.05
CA ASN A 294 -23.38 1.32 14.75
C ASN A 294 -22.73 2.52 14.07
N THR A 295 -22.70 3.65 14.77
CA THR A 295 -22.25 4.89 14.10
C THR A 295 -20.72 4.96 13.98
N TRP A 296 -20.02 4.98 15.11
CA TRP A 296 -18.55 5.13 15.07
C TRP A 296 -17.91 3.94 14.34
N GLY A 297 -18.41 2.74 14.63
CA GLY A 297 -17.89 1.55 13.95
C GLY A 297 -18.15 1.59 12.45
N GLY A 298 -19.36 1.97 12.05
CA GLY A 298 -19.65 2.05 10.62
C GLY A 298 -18.81 3.12 9.94
N MET A 299 -18.61 4.25 10.61
CA MET A 299 -17.74 5.33 10.07
C MET A 299 -16.30 4.86 9.97
N LYS A 300 -15.90 4.01 10.90
CA LYS A 300 -14.53 3.48 10.92
C LYS A 300 -14.24 2.67 9.65
N ILE A 301 -15.27 1.96 9.17
CA ILE A 301 -15.18 1.25 7.90
C ILE A 301 -15.32 2.20 6.70
N LEU A 302 -16.40 2.99 6.73
CA LEU A 302 -16.77 3.76 5.56
C LEU A 302 -15.77 4.85 5.17
N PHE A 303 -15.35 5.67 6.13
CA PHE A 303 -14.54 6.83 5.75
C PHE A 303 -13.20 6.47 5.09
N PRO A 304 -12.40 5.55 5.70
CA PRO A 304 -11.17 5.16 4.99
C PRO A 304 -11.45 4.50 3.63
N ASN A 305 -12.54 3.73 3.53
CA ASN A 305 -12.89 3.11 2.23
C ASN A 305 -13.20 4.19 1.18
N MET A 306 -13.88 5.25 1.60
CA MET A 306 -14.19 6.37 0.72
C MET A 306 -12.91 7.05 0.23
N VAL A 307 -11.99 7.30 1.15
CA VAL A 307 -10.70 7.91 0.78
C VAL A 307 -9.99 7.01 -0.22
N LYS A 308 -10.03 5.70 0.01
CA LYS A 308 -9.41 4.74 -0.91
C LYS A 308 -9.99 4.80 -2.33
N ARG A 309 -11.33 4.73 -2.43
CA ARG A 309 -11.97 4.70 -3.76
C ARG A 309 -11.91 6.04 -4.48
N ILE A 310 -12.14 7.13 -3.75
CA ILE A 310 -12.01 8.45 -4.34
C ILE A 310 -10.57 8.73 -4.75
N GLY A 311 -9.62 8.35 -3.91
CA GLY A 311 -8.20 8.48 -4.27
C GLY A 311 -7.89 7.78 -5.60
N ARG A 312 -8.35 6.53 -5.73
CA ARG A 312 -8.08 5.74 -6.93
C ARG A 312 -8.76 6.29 -8.17
N ALA A 313 -9.82 7.06 -7.96
CA ALA A 313 -10.58 7.66 -9.06
C ALA A 313 -9.76 8.68 -9.84
N GLY A 314 -8.71 9.23 -9.22
CA GLY A 314 -7.74 10.03 -9.97
C GLY A 314 -7.94 11.52 -9.84
N HIS A 315 -6.91 12.29 -10.22
CA HIS A 315 -6.91 13.74 -9.99
C HIS A 315 -7.93 14.50 -10.82
N GLN A 316 -8.29 13.98 -12.00
CA GLN A 316 -9.29 14.67 -12.82
C GLN A 316 -10.65 14.67 -12.12
N VAL A 317 -11.02 13.51 -11.55
CA VAL A 317 -12.21 13.41 -10.71
C VAL A 317 -12.11 14.33 -9.50
N HIS A 318 -10.94 14.36 -8.86
CA HIS A 318 -10.74 15.25 -7.70
C HIS A 318 -11.00 16.69 -8.08
N ASN A 319 -10.41 17.11 -9.19
CA ASN A 319 -10.58 18.47 -9.68
C ASN A 319 -12.04 18.80 -9.99
N ARG A 320 -12.76 17.85 -10.57
CA ARG A 320 -14.19 18.03 -10.89
C ARG A 320 -15.00 18.17 -9.60
N LEU A 321 -14.69 17.35 -8.59
CA LEU A 321 -15.37 17.48 -7.30
C LEU A 321 -15.07 18.83 -6.65
N ALA A 322 -13.80 19.21 -6.63
CA ALA A 322 -13.39 20.51 -6.07
C ALA A 322 -14.13 21.65 -6.76
N GLU A 323 -14.15 21.61 -8.09
CA GLU A 323 -14.86 22.64 -8.86
C GLU A 323 -16.35 22.73 -8.52
N GLU A 324 -17.01 21.58 -8.45
CA GLU A 324 -18.45 21.56 -8.16
C GLU A 324 -18.70 22.07 -6.75
N ILE A 325 -17.94 21.53 -5.79
CA ILE A 325 -18.19 21.85 -4.39
C ILE A 325 -17.96 23.33 -4.11
N ARG A 326 -16.84 23.86 -4.60
CA ARG A 326 -16.50 25.25 -4.34
C ARG A 326 -17.45 26.19 -5.06
N SER A 327 -17.81 25.86 -6.31
N SER A 327 -17.83 25.86 -6.29
CA SER A 327 -18.75 26.70 -7.07
CA SER A 327 -18.73 26.72 -7.06
C SER A 327 -20.10 26.76 -6.36
C SER A 327 -20.16 26.74 -6.48
N VAL A 328 -20.61 25.59 -5.97
CA VAL A 328 -21.91 25.51 -5.27
C VAL A 328 -21.92 26.31 -3.96
N ILE A 329 -20.90 26.15 -3.13
CA ILE A 329 -20.84 26.91 -1.88
C ILE A 329 -20.75 28.42 -2.14
N LYS A 330 -20.01 28.80 -3.18
CA LYS A 330 -19.93 30.21 -3.58
C LYS A 330 -21.32 30.73 -4.00
N SER A 331 -22.04 29.90 -4.76
CA SER A 331 -23.39 30.25 -5.18
C SER A 331 -24.33 30.40 -3.97
N ASN A 332 -23.95 29.76 -2.86
CA ASN A 332 -24.76 29.77 -1.64
C ASN A 332 -24.26 30.78 -0.61
N GLY A 333 -23.52 31.79 -1.07
CA GLY A 333 -23.03 32.86 -0.20
C GLY A 333 -22.01 32.38 0.81
N GLY A 334 -21.34 31.28 0.50
CA GLY A 334 -20.35 30.67 1.40
C GLY A 334 -20.92 29.87 2.54
N GLU A 335 -22.25 29.75 2.57
CA GLU A 335 -22.96 28.98 3.60
C GLU A 335 -23.23 27.56 3.12
N LEU A 336 -22.68 26.58 3.83
CA LEU A 336 -22.96 25.20 3.48
C LEU A 336 -24.25 24.76 4.16
N THR A 337 -25.25 24.38 3.36
CA THR A 337 -26.57 24.00 3.88
C THR A 337 -27.04 22.72 3.19
N MET A 338 -28.11 22.13 3.70
CA MET A 338 -28.68 20.92 3.09
C MET A 338 -29.07 21.18 1.66
N GLY A 339 -29.65 22.34 1.38
CA GLY A 339 -30.06 22.68 0.02
C GLY A 339 -28.88 22.83 -0.91
N ALA A 340 -27.78 23.42 -0.40
CA ALA A 340 -26.56 23.54 -1.22
C ALA A 340 -26.06 22.16 -1.62
N ILE A 341 -26.11 21.22 -0.69
CA ILE A 341 -25.63 19.86 -0.97
C ILE A 341 -26.42 19.22 -2.11
N GLU A 342 -27.72 19.51 -2.18
CA GLU A 342 -28.55 18.95 -3.26
C GLU A 342 -28.10 19.38 -4.66
N LYS A 343 -27.38 20.51 -4.73
CA LYS A 343 -26.82 21.00 -5.99
C LYS A 343 -25.53 20.28 -6.41
N MET A 344 -24.92 19.57 -5.47
CA MET A 344 -23.63 18.95 -5.72
C MET A 344 -23.86 17.56 -6.30
N GLU A 345 -24.21 17.52 -7.58
CA GLU A 345 -24.62 16.28 -8.21
C GLU A 345 -23.54 15.23 -8.23
N LEU A 346 -22.32 15.62 -8.62
CA LEU A 346 -21.23 14.64 -8.68
C LEU A 346 -20.90 14.14 -7.28
N THR A 347 -20.90 15.03 -6.29
CA THR A 347 -20.62 14.67 -4.89
C THR A 347 -21.62 13.64 -4.37
N LYS A 348 -22.91 13.90 -4.57
CA LYS A 348 -23.93 12.95 -4.15
C LYS A 348 -23.70 11.60 -4.82
N SER A 349 -23.38 11.65 -6.11
CA SER A 349 -23.22 10.42 -6.89
C SER A 349 -22.00 9.62 -6.42
N VAL A 350 -20.90 10.32 -6.17
CA VAL A 350 -19.65 9.69 -5.69
C VAL A 350 -19.88 8.96 -4.35
N VAL A 351 -20.64 9.60 -3.45
CA VAL A 351 -20.94 8.97 -2.15
C VAL A 351 -21.78 7.71 -2.37
N TYR A 352 -22.81 7.79 -3.20
CA TYR A 352 -23.61 6.60 -3.46
C TYR A 352 -22.79 5.50 -4.10
N GLU A 353 -21.84 5.89 -4.98
CA GLU A 353 -21.00 4.91 -5.65
C GLU A 353 -20.03 4.23 -4.71
N CYS A 354 -19.56 4.96 -3.69
CA CYS A 354 -18.75 4.30 -2.64
C CYS A 354 -19.59 3.25 -1.93
N LEU A 355 -20.84 3.60 -1.64
CA LEU A 355 -21.74 2.70 -0.90
C LEU A 355 -22.15 1.49 -1.75
N ARG A 356 -22.31 1.70 -3.06
CA ARG A 356 -22.63 0.59 -3.96
C ARG A 356 -21.44 -0.33 -4.17
N PHE A 357 -20.30 0.28 -4.45
CA PHE A 357 -19.14 -0.50 -4.89
C PHE A 357 -18.58 -1.32 -3.72
N GLU A 358 -18.61 -0.73 -2.53
CA GLU A 358 -18.01 -1.32 -1.35
C GLU A 358 -18.92 -1.10 -0.15
N PRO A 359 -20.00 -1.89 -0.08
CA PRO A 359 -20.90 -1.82 1.07
C PRO A 359 -20.08 -1.93 2.36
N PRO A 360 -20.25 -0.97 3.30
CA PRO A 360 -19.40 -1.03 4.51
C PRO A 360 -19.64 -2.27 5.35
N VAL A 361 -20.87 -2.78 5.38
CA VAL A 361 -21.14 -4.05 6.07
C VAL A 361 -21.62 -5.06 5.03
N THR A 362 -20.83 -6.11 4.84
CA THR A 362 -21.11 -7.02 3.73
C THR A 362 -22.12 -8.12 4.05
N ALA A 363 -22.34 -8.37 5.34
CA ALA A 363 -23.09 -9.57 5.76
C ALA A 363 -24.45 -9.25 6.37
N GLN A 364 -25.53 -9.65 5.68
CA GLN A 364 -26.89 -9.53 6.22
C GLN A 364 -27.50 -10.92 6.30
N TYR A 365 -28.17 -11.20 7.41
CA TYR A 365 -28.81 -12.49 7.65
C TYR A 365 -30.30 -12.33 7.91
N GLY A 366 -31.05 -13.40 7.67
CA GLY A 366 -32.46 -13.44 8.00
C GLY A 366 -32.91 -14.89 8.08
N ARG A 367 -33.69 -15.24 9.09
CA ARG A 367 -34.18 -16.62 9.20
C ARG A 367 -35.57 -16.76 8.60
N ALA A 368 -35.75 -17.68 7.65
CA ALA A 368 -37.06 -17.84 7.01
C ALA A 368 -38.14 -18.15 8.05
N LYS A 369 -39.20 -17.36 8.05
CA LYS A 369 -40.34 -17.47 8.98
C LYS A 369 -41.34 -18.52 8.56
N LYS A 370 -41.32 -18.83 7.26
CA LYS A 370 -42.29 -19.71 6.63
C LYS A 370 -41.57 -20.24 5.40
N ASP A 371 -42.15 -21.23 4.74
CA ASP A 371 -41.60 -21.70 3.47
C ASP A 371 -41.65 -20.56 2.43
N LEU A 372 -40.55 -20.38 1.71
CA LEU A 372 -40.42 -19.30 0.73
C LEU A 372 -40.04 -19.83 -0.64
N VAL A 373 -40.44 -19.10 -1.68
CA VAL A 373 -39.89 -19.33 -3.01
C VAL A 373 -39.06 -18.08 -3.35
N ILE A 374 -37.76 -18.26 -3.52
CA ILE A 374 -36.84 -17.14 -3.71
C ILE A 374 -36.45 -17.12 -5.17
N GLU A 375 -36.73 -16.01 -5.82
CA GLU A 375 -36.44 -15.88 -7.23
C GLU A 375 -35.07 -15.27 -7.42
N SER A 376 -34.24 -15.92 -8.26
N SER A 376 -34.28 -15.91 -8.29
CA SER A 376 -33.00 -15.30 -8.73
CA SER A 376 -33.02 -15.35 -8.75
C SER A 376 -33.19 -14.89 -10.20
C SER A 376 -33.19 -14.94 -10.22
N HIS A 377 -32.09 -14.66 -10.91
CA HIS A 377 -32.20 -14.23 -12.31
C HIS A 377 -32.72 -15.30 -13.27
N ASP A 378 -32.30 -16.54 -13.07
CA ASP A 378 -32.55 -17.61 -14.05
C ASP A 378 -33.29 -18.83 -13.50
N ALA A 379 -33.50 -18.84 -12.19
CA ALA A 379 -34.20 -19.93 -11.52
C ALA A 379 -34.81 -19.44 -10.22
N ALA A 380 -35.76 -20.21 -9.71
CA ALA A 380 -36.31 -19.98 -8.38
C ALA A 380 -35.98 -21.18 -7.47
N PHE A 381 -35.86 -20.90 -6.18
CA PHE A 381 -35.42 -21.88 -5.19
C PHE A 381 -36.38 -21.92 -4.01
N LYS A 382 -36.65 -23.11 -3.53
CA LYS A 382 -37.55 -23.26 -2.39
C LYS A 382 -36.76 -23.45 -1.11
N VAL A 383 -37.09 -22.66 -0.10
CA VAL A 383 -36.49 -22.79 1.23
C VAL A 383 -37.58 -23.05 2.26
N LYS A 384 -37.21 -23.82 3.29
CA LYS A 384 -38.14 -24.21 4.33
C LYS A 384 -38.06 -23.24 5.49
N ALA A 385 -39.19 -23.04 6.18
CA ALA A 385 -39.22 -22.30 7.44
C ALA A 385 -38.06 -22.74 8.32
N GLY A 386 -37.35 -21.77 8.91
CA GLY A 386 -36.27 -22.08 9.84
C GLY A 386 -34.87 -22.03 9.20
N GLU A 387 -34.81 -22.10 7.88
CA GLU A 387 -33.49 -22.00 7.20
C GLU A 387 -32.90 -20.60 7.37
N MET A 388 -31.59 -20.55 7.63
CA MET A 388 -30.90 -19.28 7.76
C MET A 388 -30.48 -18.79 6.36
N LEU A 389 -30.96 -17.62 5.99
CA LEU A 389 -30.59 -16.98 4.74
C LEU A 389 -29.48 -15.96 5.01
N TYR A 390 -28.56 -15.84 4.07
CA TYR A 390 -27.41 -14.97 4.21
C TYR A 390 -27.17 -14.29 2.87
N GLY A 391 -26.84 -13.01 2.91
CA GLY A 391 -26.43 -12.32 1.69
C GLY A 391 -25.09 -11.64 1.85
N TYR A 392 -24.25 -11.80 0.83
CA TYR A 392 -23.00 -11.08 0.72
C TYR A 392 -23.26 -9.88 -0.18
N GLN A 393 -23.47 -8.75 0.46
CA GLN A 393 -24.03 -7.61 -0.23
C GLN A 393 -23.26 -7.15 -1.47
N PRO A 394 -21.90 -7.17 -1.44
CA PRO A 394 -21.18 -6.71 -2.65
C PRO A 394 -21.59 -7.45 -3.93
N LEU A 395 -22.01 -8.70 -3.81
CA LEU A 395 -22.39 -9.44 -5.02
C LEU A 395 -23.79 -9.03 -5.50
N ALA A 396 -24.59 -8.43 -4.61
CA ALA A 396 -25.88 -7.89 -5.02
C ALA A 396 -25.73 -6.50 -5.63
N THR A 397 -24.79 -5.71 -5.09
CA THR A 397 -24.64 -4.32 -5.53
C THR A 397 -23.65 -4.17 -6.68
N ARG A 398 -22.83 -5.20 -6.91
CA ARG A 398 -22.01 -5.28 -8.13
C ARG A 398 -22.56 -6.36 -9.10
N ASP A 399 -23.85 -6.62 -9.02
CA ASP A 399 -24.49 -7.62 -9.90
C ASP A 399 -24.56 -7.06 -11.32
N PRO A 400 -23.86 -7.71 -12.28
CA PRO A 400 -23.84 -7.16 -13.64
C PRO A 400 -25.16 -7.33 -14.40
N LYS A 401 -26.11 -8.04 -13.82
CA LYS A 401 -27.44 -8.14 -14.42
C LYS A 401 -28.34 -7.01 -13.93
N ILE A 402 -27.78 -6.17 -13.06
CA ILE A 402 -28.48 -4.99 -12.57
C ILE A 402 -27.75 -3.71 -12.93
N PHE A 403 -26.44 -3.69 -12.71
CA PHE A 403 -25.62 -2.52 -13.02
C PHE A 403 -24.73 -2.74 -14.23
N ASP A 404 -24.70 -1.77 -15.16
CA ASP A 404 -23.64 -1.80 -16.17
C ASP A 404 -22.31 -1.44 -15.51
N ARG A 405 -21.21 -1.78 -16.17
N ARG A 405 -21.21 -1.77 -16.18
CA ARG A 405 -19.88 -1.47 -15.63
CA ARG A 405 -19.87 -1.49 -15.64
C ARG A 405 -19.81 -1.85 -14.15
C ARG A 405 -19.82 -1.85 -14.15
N ALA A 406 -20.34 -3.02 -13.81
CA ALA A 406 -20.62 -3.37 -12.41
C ALA A 406 -19.42 -3.37 -11.49
N ASP A 407 -18.27 -3.77 -12.03
CA ASP A 407 -17.01 -3.85 -11.27
C ASP A 407 -16.11 -2.63 -11.42
N GLU A 408 -16.67 -1.56 -11.97
CA GLU A 408 -15.95 -0.31 -12.12
C GLU A 408 -16.53 0.70 -11.14
N PHE A 409 -15.66 1.50 -10.55
CA PHE A 409 -16.08 2.64 -9.75
C PHE A 409 -16.33 3.80 -10.73
N VAL A 410 -17.60 4.18 -10.86
CA VAL A 410 -18.01 5.22 -11.81
C VAL A 410 -18.57 6.40 -11.03
N PRO A 411 -17.74 7.44 -10.82
CA PRO A 411 -18.13 8.59 -9.99
C PRO A 411 -19.53 9.15 -10.32
N GLU A 412 -19.85 9.24 -11.61
CA GLU A 412 -21.08 9.92 -12.06
C GLU A 412 -22.28 8.96 -12.24
N ARG A 413 -22.18 7.74 -11.70
CA ARG A 413 -23.18 6.70 -11.98
C ARG A 413 -24.62 7.15 -11.68
N PHE A 414 -24.79 7.90 -10.61
CA PHE A 414 -26.13 8.20 -10.12
C PHE A 414 -26.57 9.63 -10.44
N VAL A 415 -25.83 10.29 -11.32
CA VAL A 415 -26.17 11.65 -11.72
C VAL A 415 -27.33 11.62 -12.70
N GLY A 416 -28.34 12.46 -12.44
CA GLY A 416 -29.47 12.61 -13.37
C GLY A 416 -30.63 11.68 -13.10
N GLU A 417 -31.74 11.94 -13.80
CA GLU A 417 -32.99 11.22 -13.57
C GLU A 417 -32.85 9.71 -13.72
N GLU A 418 -32.17 9.28 -14.78
CA GLU A 418 -32.01 7.85 -15.03
C GLU A 418 -31.07 7.21 -14.01
N GLY A 419 -29.96 7.88 -13.71
CA GLY A 419 -29.03 7.42 -12.69
C GLY A 419 -29.68 7.28 -11.33
N GLU A 420 -30.50 8.27 -10.95
CA GLU A 420 -31.17 8.22 -9.66
C GLU A 420 -32.11 7.02 -9.48
N LYS A 421 -32.69 6.53 -10.58
CA LYS A 421 -33.57 5.36 -10.51
C LYS A 421 -32.83 4.13 -9.95
N LEU A 422 -31.53 4.06 -10.22
CA LEU A 422 -30.71 2.92 -9.84
C LEU A 422 -30.48 2.83 -8.33
N LEU A 423 -30.84 3.90 -7.62
CA LEU A 423 -30.65 3.95 -6.17
C LEU A 423 -31.48 2.87 -5.48
N ARG A 424 -32.51 2.35 -6.14
CA ARG A 424 -33.28 1.28 -5.53
C ARG A 424 -32.41 0.03 -5.34
N HIS A 425 -31.27 -0.03 -6.04
CA HIS A 425 -30.40 -1.18 -5.97
C HIS A 425 -29.14 -0.98 -5.13
N VAL A 426 -29.08 0.18 -4.46
CA VAL A 426 -28.01 0.46 -3.49
C VAL A 426 -28.54 0.05 -2.13
N LEU A 427 -27.84 -0.87 -1.46
CA LEU A 427 -28.45 -1.64 -0.36
C LEU A 427 -27.71 -1.50 0.97
N TRP A 428 -26.83 -0.50 1.07
CA TRP A 428 -25.87 -0.49 2.19
C TRP A 428 -26.59 -0.50 3.56
N SER A 429 -27.76 0.13 3.59
CA SER A 429 -28.48 0.38 4.84
C SER A 429 -29.38 -0.79 5.24
N ASN A 430 -29.21 -1.95 4.60
CA ASN A 430 -30.14 -3.06 4.79
C ASN A 430 -31.56 -2.73 4.31
N GLY A 431 -31.60 -2.05 3.16
CA GLY A 431 -32.82 -1.77 2.44
C GLY A 431 -32.46 -0.96 1.20
N PRO A 432 -33.40 -0.84 0.25
CA PRO A 432 -33.13 0.02 -0.91
C PRO A 432 -32.87 1.47 -0.47
N GLU A 433 -31.96 2.15 -1.15
CA GLU A 433 -31.64 3.53 -0.79
C GLU A 433 -32.82 4.47 -0.98
N THR A 434 -33.76 4.04 -1.82
CA THR A 434 -34.98 4.79 -2.11
C THR A 434 -36.04 4.67 -1.02
N GLU A 435 -35.82 3.75 -0.07
CA GLU A 435 -36.77 3.51 1.02
C GLU A 435 -36.29 4.16 2.33
N THR A 436 -37.22 4.24 3.28
CA THR A 436 -37.06 4.97 4.54
C THR A 436 -37.00 3.97 5.70
N PRO A 437 -36.04 4.12 6.65
CA PRO A 437 -36.14 3.24 7.82
C PRO A 437 -37.39 3.56 8.62
N THR A 438 -38.01 2.53 9.20
CA THR A 438 -39.23 2.69 9.99
C THR A 438 -39.16 1.78 11.21
N VAL A 439 -40.09 1.99 12.14
CA VAL A 439 -40.20 1.08 13.26
C VAL A 439 -40.63 -0.35 12.83
N GLY A 440 -41.19 -0.46 11.62
CA GLY A 440 -41.69 -1.73 11.11
C GLY A 440 -40.64 -2.56 10.38
N ASN A 441 -39.53 -1.93 9.98
CA ASN A 441 -38.51 -2.68 9.24
C ASN A 441 -37.18 -2.70 10.02
N LYS A 442 -36.17 -3.34 9.42
CA LYS A 442 -34.85 -3.44 10.04
C LYS A 442 -33.78 -2.67 9.27
N GLN A 443 -34.23 -1.69 8.48
CA GLN A 443 -33.32 -0.80 7.77
C GLN A 443 -32.60 0.11 8.77
N CYS A 444 -31.33 0.40 8.50
CA CYS A 444 -30.51 1.26 9.38
C CYS A 444 -31.26 2.49 9.88
N ALA A 445 -31.30 2.68 11.21
CA ALA A 445 -32.01 3.84 11.76
C ALA A 445 -31.34 5.15 11.38
N GLY A 446 -30.05 5.09 11.08
CA GLY A 446 -29.29 6.30 10.74
C GLY A 446 -29.05 6.51 9.26
N LYS A 447 -29.89 5.92 8.41
CA LYS A 447 -29.66 5.99 6.97
C LYS A 447 -29.37 7.40 6.42
N ASP A 448 -30.24 8.36 6.73
CA ASP A 448 -30.06 9.72 6.20
C ASP A 448 -28.84 10.39 6.79
N PHE A 449 -28.55 10.08 8.06
CA PHE A 449 -27.39 10.64 8.73
C PHE A 449 -26.08 10.19 8.08
N VAL A 450 -25.98 8.89 7.79
CA VAL A 450 -24.78 8.34 7.19
C VAL A 450 -24.53 9.01 5.85
N VAL A 451 -25.56 9.07 5.01
CA VAL A 451 -25.38 9.67 3.68
C VAL A 451 -24.99 11.15 3.83
N LEU A 452 -25.61 11.85 4.79
CA LEU A 452 -25.23 13.25 5.05
C LEU A 452 -23.76 13.40 5.45
N VAL A 453 -23.32 12.66 6.46
CA VAL A 453 -21.95 12.86 6.92
C VAL A 453 -20.90 12.40 5.90
N ALA A 454 -21.25 11.37 5.11
CA ALA A 454 -20.37 10.94 4.03
C ALA A 454 -20.23 12.09 3.01
N ARG A 455 -21.34 12.76 2.69
CA ARG A 455 -21.29 13.94 1.81
C ARG A 455 -20.47 15.04 2.45
N LEU A 456 -20.71 15.33 3.72
CA LEU A 456 -19.93 16.39 4.41
C LEU A 456 -18.43 16.08 4.38
N PHE A 457 -18.09 14.80 4.50
CA PHE A 457 -16.69 14.37 4.48
C PHE A 457 -16.05 14.72 3.12
N VAL A 458 -16.73 14.35 2.03
CA VAL A 458 -16.21 14.66 0.69
C VAL A 458 -16.12 16.17 0.51
N ILE A 459 -17.13 16.87 1.01
CA ILE A 459 -17.15 18.33 0.89
C ILE A 459 -15.96 18.96 1.61
N GLU A 460 -15.68 18.50 2.84
CA GLU A 460 -14.57 19.08 3.59
C GLU A 460 -13.20 18.80 2.92
N ILE A 461 -13.06 17.61 2.33
CA ILE A 461 -11.83 17.29 1.60
C ILE A 461 -11.61 18.27 0.44
N PHE A 462 -12.63 18.44 -0.40
CA PHE A 462 -12.42 19.16 -1.65
C PHE A 462 -12.64 20.66 -1.57
N ARG A 463 -13.19 21.15 -0.46
CA ARG A 463 -13.14 22.58 -0.24
C ARG A 463 -11.71 23.00 0.15
N ARG A 464 -10.95 22.07 0.73
CA ARG A 464 -9.57 22.33 1.20
C ARG A 464 -8.49 21.96 0.19
N TYR A 465 -8.71 20.84 -0.51
CA TYR A 465 -7.71 20.23 -1.41
C TYR A 465 -8.20 20.11 -2.86
N ASP A 466 -7.30 20.37 -3.82
CA ASP A 466 -7.59 20.15 -5.24
C ASP A 466 -7.53 18.66 -5.60
N SER A 467 -6.68 17.92 -4.88
CA SER A 467 -6.44 16.50 -5.17
C SER A 467 -5.53 15.92 -4.11
N PHE A 468 -5.43 14.59 -4.09
CA PHE A 468 -4.60 13.92 -3.12
C PHE A 468 -4.11 12.59 -3.67
N ASP A 469 -3.06 12.06 -3.05
CA ASP A 469 -2.56 10.73 -3.31
C ASP A 469 -2.60 9.92 -2.01
N ILE A 470 -2.78 8.62 -2.15
CA ILE A 470 -2.88 7.73 -1.00
C ILE A 470 -2.01 6.50 -1.13
N GLU A 471 -1.70 5.90 0.01
CA GLU A 471 -1.14 4.54 0.09
C GLU A 471 -2.14 3.70 0.85
N VAL A 472 -2.28 2.44 0.46
CA VAL A 472 -3.37 1.62 1.01
C VAL A 472 -2.89 0.26 1.48
N GLY A 473 -3.46 -0.17 2.60
CA GLY A 473 -3.19 -1.51 3.13
C GLY A 473 -4.44 -2.13 3.69
N THR A 474 -4.27 -3.34 4.22
CA THR A 474 -5.39 -4.06 4.80
C THR A 474 -5.61 -3.64 6.26
N SER A 475 -6.83 -3.85 6.74
CA SER A 475 -7.16 -3.59 8.13
C SER A 475 -8.22 -4.62 8.52
N PRO A 476 -8.26 -5.01 9.82
CA PRO A 476 -9.32 -5.95 10.25
C PRO A 476 -10.74 -5.45 9.92
N LEU A 477 -10.96 -4.14 10.09
CA LEU A 477 -12.18 -3.46 9.66
C LEU A 477 -11.81 -2.39 8.64
N GLY A 478 -12.46 -2.44 7.48
CA GLY A 478 -12.22 -1.49 6.40
C GLY A 478 -10.83 -1.57 5.80
N SER A 479 -10.21 -0.41 5.65
CA SER A 479 -8.91 -0.30 4.96
C SER A 479 -7.97 0.58 5.75
N SER A 480 -6.67 0.32 5.61
CA SER A 480 -5.64 1.22 6.15
C SER A 480 -5.30 2.20 5.03
N VAL A 481 -5.34 3.50 5.30
CA VAL A 481 -5.05 4.49 4.26
C VAL A 481 -4.11 5.56 4.80
N ASN A 482 -3.02 5.83 4.07
CA ASN A 482 -2.16 7.01 4.34
C ASN A 482 -2.35 8.01 3.21
N PHE A 483 -2.33 9.31 3.54
CA PHE A 483 -2.16 10.31 2.49
C PHE A 483 -0.69 10.51 2.26
N SER A 484 -0.29 10.52 0.98
CA SER A 484 1.09 10.82 0.63
C SER A 484 1.24 12.18 -0.03
N SER A 485 0.12 12.75 -0.48
CA SER A 485 0.10 14.16 -0.84
C SER A 485 -1.27 14.75 -0.65
N LEU A 486 -1.28 16.01 -0.21
CA LEU A 486 -2.52 16.76 -0.04
C LEU A 486 -2.27 18.09 -0.72
N ARG A 487 -2.83 18.26 -1.91
N ARG A 487 -2.84 18.28 -1.91
CA ARG A 487 -2.62 19.48 -2.70
CA ARG A 487 -2.58 19.49 -2.68
C ARG A 487 -3.63 20.54 -2.27
C ARG A 487 -3.60 20.57 -2.33
N LYS A 488 -3.17 21.54 -1.50
CA LYS A 488 -4.07 22.59 -1.03
C LYS A 488 -4.61 23.47 -2.15
N ALA A 489 -5.82 24.01 -1.94
CA ALA A 489 -6.48 24.90 -2.89
C ALA A 489 -5.68 26.19 -3.10
N LEU B 25 36.30 28.65 -7.87
CA LEU B 25 37.64 29.33 -7.93
C LEU B 25 38.28 29.66 -6.57
N PRO B 26 37.55 30.36 -5.66
CA PRO B 26 38.13 30.61 -4.33
C PRO B 26 38.33 29.33 -3.52
N ILE B 27 39.56 29.10 -3.04
CA ILE B 27 39.81 27.97 -2.14
C ILE B 27 39.31 28.29 -0.74
N ARG B 28 38.44 27.42 -0.23
CA ARG B 28 37.82 27.61 1.08
C ARG B 28 38.06 26.42 1.98
N ASN B 29 38.08 26.66 3.30
CA ASN B 29 38.09 25.58 4.26
C ASN B 29 36.81 24.79 4.11
N ILE B 30 36.88 23.48 4.31
CA ILE B 30 35.67 22.66 4.21
C ILE B 30 34.84 22.89 5.48
N PRO B 31 33.58 23.34 5.32
CA PRO B 31 32.75 23.57 6.50
C PRO B 31 32.26 22.27 7.12
N GLY B 32 31.75 22.37 8.34
CA GLY B 32 31.19 21.21 9.02
C GLY B 32 32.13 20.69 10.07
N ASN B 33 31.59 19.91 10.99
CA ASN B 33 32.43 19.32 12.02
C ASN B 33 31.90 17.97 12.43
N TYR B 34 32.75 17.17 13.03
CA TYR B 34 32.40 15.80 13.38
C TYR B 34 31.90 15.67 14.81
N GLY B 35 31.90 16.78 15.54
CA GLY B 35 31.47 16.79 16.95
C GLY B 35 32.41 16.03 17.86
N LEU B 36 31.95 15.75 19.07
CA LEU B 36 32.73 15.02 20.07
C LEU B 36 32.80 13.55 19.71
N PRO B 37 33.84 12.83 20.16
CA PRO B 37 33.91 11.40 19.85
C PRO B 37 32.68 10.68 20.41
N ILE B 38 32.22 9.65 19.70
CA ILE B 38 31.02 8.87 20.07
C ILE B 38 29.71 9.65 19.95
N VAL B 39 29.61 10.75 20.71
CA VAL B 39 28.37 11.56 20.77
C VAL B 39 28.03 12.22 19.42
N GLY B 40 29.06 12.79 18.76
CA GLY B 40 28.87 13.44 17.47
C GLY B 40 28.30 12.50 16.41
N PRO B 41 28.98 11.37 16.15
CA PRO B 41 28.41 10.38 15.23
C PRO B 41 27.01 9.88 15.60
N ILE B 42 26.74 9.66 16.89
CA ILE B 42 25.42 9.16 17.28
C ILE B 42 24.31 10.15 16.94
N LYS B 43 24.54 11.44 17.22
CA LYS B 43 23.56 12.47 16.91
C LYS B 43 23.30 12.52 15.40
N ASP B 44 24.36 12.45 14.61
CA ASP B 44 24.23 12.46 13.15
C ASP B 44 23.51 11.22 12.63
N ARG B 45 23.75 10.07 13.26
CA ARG B 45 23.07 8.85 12.86
C ARG B 45 21.58 8.93 13.17
N TRP B 46 21.23 9.52 14.30
CA TRP B 46 19.81 9.70 14.63
C TRP B 46 19.11 10.62 13.65
N ASP B 47 19.78 11.70 13.26
CA ASP B 47 19.26 12.56 12.19
C ASP B 47 19.08 11.74 10.90
N TYR B 48 20.10 10.97 10.53
CA TYR B 48 20.12 10.26 9.26
C TYR B 48 18.97 9.26 9.15
N PHE B 49 18.78 8.47 10.20
CA PHE B 49 17.74 7.43 10.18
C PHE B 49 16.36 7.87 10.67
N TYR B 50 16.30 8.73 11.68
CA TYR B 50 15.04 8.94 12.41
C TYR B 50 14.47 10.34 12.35
N ASP B 51 15.28 11.34 12.65
CA ASP B 51 14.77 12.70 12.78
C ASP B 51 14.68 13.48 11.48
N GLN B 52 15.42 13.03 10.47
CA GLN B 52 15.43 13.68 9.17
C GLN B 52 15.26 12.75 7.98
N GLY B 53 15.95 11.60 8.01
CA GLY B 53 16.03 10.73 6.83
C GLY B 53 17.13 11.23 5.92
N ALA B 54 17.63 10.37 5.01
CA ALA B 54 18.85 10.68 4.25
C ALA B 54 18.77 11.97 3.42
N GLU B 55 17.71 12.13 2.63
CA GLU B 55 17.66 13.29 1.72
C GLU B 55 17.71 14.60 2.54
N GLU B 56 16.89 14.68 3.58
CA GLU B 56 16.79 15.88 4.41
C GLU B 56 18.07 16.06 5.23
N PHE B 57 18.67 14.94 5.67
CA PHE B 57 19.96 14.97 6.37
C PHE B 57 20.97 15.79 5.55
N PHE B 58 21.08 15.47 4.28
CA PHE B 58 22.04 16.15 3.40
C PHE B 58 21.60 17.54 2.99
N LYS B 59 20.34 17.70 2.61
CA LYS B 59 19.84 19.03 2.19
C LYS B 59 19.93 20.06 3.31
N SER B 60 19.58 19.66 4.53
CA SER B 60 19.56 20.57 5.68
C SER B 60 20.97 21.09 5.97
N ARG B 61 21.97 20.23 5.74
CA ARG B 61 23.37 20.63 5.97
C ARG B 61 23.95 21.48 4.83
N ILE B 62 23.45 21.31 3.60
CA ILE B 62 23.79 22.23 2.51
C ILE B 62 23.37 23.64 2.93
N ARG B 63 22.14 23.74 3.45
CA ARG B 63 21.62 25.03 3.92
C ARG B 63 22.40 25.55 5.12
N LYS B 64 22.65 24.67 6.10
CA LYS B 64 23.34 25.08 7.33
C LYS B 64 24.72 25.66 7.01
N TYR B 65 25.44 24.97 6.13
CA TYR B 65 26.82 25.34 5.83
C TYR B 65 26.97 26.21 4.59
N ASN B 66 25.87 26.47 3.89
N ASN B 66 25.88 26.43 3.86
CA ASN B 66 25.89 27.18 2.61
CA ASN B 66 25.92 27.22 2.62
C ASN B 66 27.00 26.61 1.74
C ASN B 66 26.91 26.62 1.62
N SER B 67 26.96 25.28 1.60
CA SER B 67 27.98 24.56 0.83
C SER B 67 27.45 23.21 0.42
N THR B 68 27.77 22.82 -0.82
CA THR B 68 27.50 21.46 -1.28
C THR B 68 28.68 20.51 -1.03
N VAL B 69 29.71 21.01 -0.36
CA VAL B 69 30.83 20.19 0.13
C VAL B 69 31.01 20.49 1.61
N TYR B 70 30.98 19.45 2.44
CA TYR B 70 31.12 19.65 3.88
C TYR B 70 31.49 18.37 4.60
N ARG B 71 31.99 18.53 5.82
CA ARG B 71 32.32 17.40 6.69
C ARG B 71 31.08 16.90 7.42
N VAL B 72 30.93 15.58 7.47
CA VAL B 72 29.83 14.98 8.21
C VAL B 72 30.17 13.55 8.64
N ASN B 73 29.59 13.09 9.75
CA ASN B 73 29.64 11.68 10.10
C ASN B 73 28.60 10.89 9.35
N MET B 74 28.97 9.71 8.86
CA MET B 74 28.05 8.78 8.19
C MET B 74 27.81 7.53 9.05
N PRO B 75 26.62 6.91 8.91
CA PRO B 75 26.45 5.62 9.55
C PRO B 75 27.36 4.59 8.87
N PRO B 76 27.63 3.46 9.54
CA PRO B 76 27.07 3.05 10.83
C PRO B 76 27.81 3.50 12.08
N GLY B 77 29.06 3.91 11.93
CA GLY B 77 29.87 4.24 13.12
C GLY B 77 29.86 3.10 14.13
N ALA B 78 29.65 3.44 15.41
CA ALA B 78 29.50 2.48 16.52
C ALA B 78 30.59 1.44 16.53
N PHE B 79 30.20 0.16 16.62
CA PHE B 79 31.20 -0.90 16.61
C PHE B 79 31.36 -1.55 15.24
N ILE B 80 30.67 -1.03 14.22
CA ILE B 80 30.74 -1.64 12.90
C ILE B 80 31.79 -0.95 12.02
N ALA B 81 31.81 0.37 12.05
CA ALA B 81 32.78 1.16 11.28
C ALA B 81 33.79 1.82 12.20
N GLU B 82 35.07 1.73 11.83
CA GLU B 82 36.18 2.32 12.57
C GLU B 82 36.10 3.85 12.62
N ASN B 83 35.75 4.41 11.48
CA ASN B 83 35.83 5.85 11.28
C ASN B 83 34.65 6.33 10.45
N PRO B 84 33.72 7.05 11.08
CA PRO B 84 32.54 7.54 10.35
C PRO B 84 32.75 8.85 9.58
N GLN B 85 33.94 9.43 9.68
CA GLN B 85 34.14 10.79 9.19
C GLN B 85 34.34 10.82 7.68
N VAL B 86 33.54 11.61 6.99
CA VAL B 86 33.69 11.76 5.53
C VAL B 86 33.69 13.23 5.12
N VAL B 87 34.09 13.48 3.88
CA VAL B 87 33.84 14.76 3.22
C VAL B 87 32.77 14.46 2.17
N ALA B 88 31.60 15.07 2.34
CA ALA B 88 30.48 14.84 1.44
C ALA B 88 30.52 15.75 0.22
N LEU B 89 30.29 15.17 -0.95
CA LEU B 89 30.27 15.87 -2.25
C LEU B 89 28.85 15.80 -2.80
N LEU B 90 28.16 16.94 -2.80
CA LEU B 90 26.72 16.94 -3.05
C LEU B 90 26.28 17.85 -4.19
N ASP B 91 27.10 17.90 -5.22
CA ASP B 91 26.77 18.63 -6.45
C ASP B 91 27.41 17.89 -7.62
N GLY B 92 26.94 18.18 -8.82
CA GLY B 92 27.41 17.48 -10.03
C GLY B 92 28.79 17.86 -10.54
N LYS B 93 29.38 18.91 -9.96
CA LYS B 93 30.71 19.34 -10.35
C LYS B 93 31.80 18.62 -9.52
N SER B 94 31.56 18.51 -8.21
CA SER B 94 32.51 17.87 -7.30
C SER B 94 32.41 16.35 -7.33
N PHE B 95 31.18 15.84 -7.44
CA PHE B 95 30.92 14.39 -7.35
C PHE B 95 31.82 13.51 -8.23
N PRO B 96 32.02 13.89 -9.50
CA PRO B 96 32.84 13.02 -10.38
C PRO B 96 34.27 12.72 -9.97
N VAL B 97 34.84 13.44 -8.98
CA VAL B 97 36.14 12.99 -8.43
C VAL B 97 36.04 11.51 -8.01
N LEU B 98 34.84 11.06 -7.64
CA LEU B 98 34.63 9.68 -7.14
C LEU B 98 34.85 8.62 -8.21
N PHE B 99 34.93 9.05 -9.48
CA PHE B 99 35.19 8.13 -10.60
C PHE B 99 36.67 8.03 -10.97
N ASP B 100 37.47 8.97 -10.49
CA ASP B 100 38.84 9.10 -10.99
C ASP B 100 39.81 8.25 -10.18
N VAL B 101 40.27 7.14 -10.79
CA VAL B 101 41.18 6.20 -10.13
C VAL B 101 42.53 6.80 -9.74
N ASP B 102 42.88 7.94 -10.36
CA ASP B 102 44.10 8.64 -9.97
C ASP B 102 43.92 9.32 -8.62
N LYS B 103 42.66 9.66 -8.33
CA LYS B 103 42.34 10.47 -7.17
C LYS B 103 41.82 9.67 -5.99
N VAL B 104 41.01 8.66 -6.26
CA VAL B 104 40.44 7.84 -5.18
C VAL B 104 40.81 6.37 -5.29
N GLU B 105 41.13 5.78 -4.15
CA GLU B 105 41.23 4.35 -3.99
C GLU B 105 39.80 3.81 -3.80
N LYS B 106 39.53 2.64 -4.38
CA LYS B 106 38.20 2.04 -4.33
C LYS B 106 38.28 0.63 -3.77
N LYS B 107 38.90 0.52 -2.59
CA LYS B 107 39.16 -0.80 -1.98
C LYS B 107 38.31 -0.98 -0.73
N ASP B 108 37.51 -2.05 -0.71
CA ASP B 108 36.74 -2.45 0.49
C ASP B 108 35.72 -1.39 0.95
N LEU B 109 35.19 -0.62 0.00
CA LEU B 109 34.28 0.49 0.35
C LEU B 109 32.98 0.52 -0.47
N LEU B 110 32.63 -0.62 -1.07
CA LEU B 110 31.36 -0.71 -1.78
C LEU B 110 30.23 -0.24 -0.89
N THR B 111 30.30 -0.60 0.39
CA THR B 111 29.21 -0.27 1.31
C THR B 111 29.54 0.88 2.22
N GLY B 112 30.68 1.54 1.99
CA GLY B 112 31.04 2.73 2.74
C GLY B 112 32.17 2.55 3.71
N THR B 113 31.96 3.00 4.95
CA THR B 113 33.02 3.06 5.97
C THR B 113 33.17 1.74 6.76
N TYR B 114 32.42 0.72 6.35
CA TYR B 114 32.62 -0.63 6.87
C TYR B 114 32.55 -1.56 5.67
N MET B 115 33.04 -2.78 5.87
CA MET B 115 32.87 -3.84 4.87
C MET B 115 32.25 -5.06 5.51
N PRO B 116 31.21 -5.64 4.88
CA PRO B 116 30.62 -6.87 5.42
C PRO B 116 31.66 -7.96 5.48
N SER B 117 31.55 -8.83 6.48
CA SER B 117 32.48 -9.93 6.65
C SER B 117 32.62 -10.75 5.39
N THR B 118 33.85 -11.14 5.05
CA THR B 118 34.04 -12.06 3.93
C THR B 118 33.43 -13.43 4.22
N GLU B 119 33.02 -13.69 5.46
CA GLU B 119 32.29 -14.92 5.76
C GLU B 119 30.93 -14.95 5.07
N LEU B 120 30.45 -13.79 4.64
CA LEU B 120 29.19 -13.72 3.91
C LEU B 120 29.36 -14.04 2.42
N THR B 121 30.63 -14.12 1.99
CA THR B 121 30.99 -14.27 0.58
C THR B 121 32.05 -15.36 0.38
N GLY B 122 31.88 -16.45 1.11
CA GLY B 122 32.72 -17.64 0.94
C GLY B 122 34.17 -17.47 1.34
N GLY B 123 34.47 -16.43 2.13
CA GLY B 123 35.84 -16.11 2.51
C GLY B 123 36.60 -15.23 1.53
N TYR B 124 35.93 -14.85 0.44
CA TYR B 124 36.54 -14.05 -0.63
C TYR B 124 36.20 -12.56 -0.51
N ARG B 125 37.16 -11.73 -0.90
CA ARG B 125 36.86 -10.34 -1.25
C ARG B 125 36.41 -10.34 -2.71
N ILE B 126 35.12 -10.05 -2.90
CA ILE B 126 34.45 -10.11 -4.19
C ILE B 126 34.84 -8.91 -5.06
N LEU B 127 34.75 -9.10 -6.38
CA LEU B 127 35.10 -8.08 -7.38
C LEU B 127 34.73 -6.65 -6.97
N SER B 128 33.47 -6.42 -6.59
CA SER B 128 33.04 -5.03 -6.31
C SER B 128 33.82 -4.34 -5.19
N TYR B 129 34.52 -5.13 -4.37
CA TYR B 129 35.35 -4.57 -3.26
C TYR B 129 36.80 -4.33 -3.67
N LEU B 130 37.14 -4.72 -4.89
CA LEU B 130 38.55 -4.72 -5.32
C LEU B 130 38.93 -3.41 -5.99
N ASP B 131 40.08 -2.86 -5.62
CA ASP B 131 40.60 -1.69 -6.33
C ASP B 131 41.14 -2.16 -7.70
N PRO B 132 41.06 -1.30 -8.75
CA PRO B 132 41.61 -1.74 -10.05
C PRO B 132 43.11 -2.10 -10.05
N SER B 133 43.86 -1.62 -9.06
CA SER B 133 45.29 -1.97 -8.92
C SER B 133 45.49 -3.45 -8.58
N GLU B 134 44.43 -4.11 -8.11
CA GLU B 134 44.50 -5.52 -7.75
C GLU B 134 44.30 -6.39 -8.99
N PRO B 135 45.27 -7.28 -9.28
CA PRO B 135 45.13 -8.14 -10.48
C PRO B 135 43.81 -8.92 -10.60
N LYS B 136 43.21 -9.31 -9.48
CA LYS B 136 41.96 -10.08 -9.53
C LYS B 136 40.80 -9.23 -10.04
N HIS B 137 40.93 -7.91 -9.91
CA HIS B 137 39.88 -7.01 -10.41
C HIS B 137 39.74 -7.17 -11.93
N GLU B 138 40.87 -7.18 -12.63
CA GLU B 138 40.89 -7.41 -14.09
C GLU B 138 40.32 -8.77 -14.47
N LYS B 139 40.80 -9.83 -13.82
CA LYS B 139 40.32 -11.20 -14.12
C LYS B 139 38.81 -11.35 -13.91
N LEU B 140 38.32 -10.89 -12.75
CA LEU B 140 36.92 -11.09 -12.43
C LEU B 140 36.01 -10.19 -13.26
N LYS B 141 36.46 -8.97 -13.56
CA LYS B 141 35.63 -8.08 -14.36
C LYS B 141 35.56 -8.62 -15.79
N ASN B 142 36.67 -9.17 -16.28
CA ASN B 142 36.65 -9.86 -17.59
C ASN B 142 35.71 -11.05 -17.61
N LEU B 143 35.66 -11.82 -16.52
CA LEU B 143 34.71 -12.93 -16.42
C LEU B 143 33.27 -12.42 -16.57
N LEU B 144 32.94 -11.32 -15.91
CA LEU B 144 31.58 -10.80 -16.02
C LEU B 144 31.30 -10.22 -17.39
N PHE B 145 32.28 -9.52 -17.98
CA PHE B 145 32.14 -9.07 -19.38
C PHE B 145 31.81 -10.28 -20.30
N PHE B 146 32.48 -11.39 -20.08
CA PHE B 146 32.21 -12.60 -20.86
C PHE B 146 30.79 -13.12 -20.61
N LEU B 147 30.38 -13.14 -19.34
CA LEU B 147 29.01 -13.53 -18.99
C LEU B 147 28.00 -12.71 -19.79
N LEU B 148 28.22 -11.40 -19.82
CA LEU B 148 27.27 -10.50 -20.48
C LEU B 148 27.26 -10.67 -21.98
N LYS B 149 28.46 -10.75 -22.58
CA LYS B 149 28.58 -10.98 -24.02
C LYS B 149 27.94 -12.32 -24.42
N SER B 150 28.19 -13.35 -23.60
CA SER B 150 27.65 -14.70 -23.82
C SER B 150 26.14 -14.80 -23.75
N SER B 151 25.51 -13.88 -23.02
CA SER B 151 24.07 -13.89 -22.79
C SER B 151 23.30 -13.13 -23.85
N ARG B 152 24.01 -12.43 -24.74
CA ARG B 152 23.40 -11.44 -25.65
C ARG B 152 22.20 -11.95 -26.44
N ASN B 153 22.26 -13.19 -26.92
CA ASN B 153 21.20 -13.74 -27.75
C ASN B 153 20.02 -14.31 -26.97
N ARG B 154 20.16 -14.41 -25.64
CA ARG B 154 19.07 -14.87 -24.79
C ARG B 154 18.28 -13.71 -24.15
N ILE B 155 18.85 -12.51 -24.11
CA ILE B 155 18.24 -11.41 -23.35
C ILE B 155 16.81 -11.09 -23.84
N PHE B 156 16.66 -10.82 -25.13
CA PHE B 156 15.34 -10.43 -25.67
C PHE B 156 14.29 -11.53 -25.47
N PRO B 157 14.54 -12.77 -25.93
CA PRO B 157 13.48 -13.78 -25.73
C PRO B 157 13.20 -14.10 -24.27
N GLU B 158 14.22 -14.09 -23.41
CA GLU B 158 13.99 -14.47 -22.02
C GLU B 158 13.29 -13.36 -21.26
N PHE B 159 13.64 -12.12 -21.58
CA PHE B 159 12.92 -10.99 -21.01
C PHE B 159 11.45 -11.02 -21.42
N GLN B 160 11.22 -11.21 -22.71
CA GLN B 160 9.85 -11.22 -23.22
C GLN B 160 9.01 -12.31 -22.54
N ALA B 161 9.57 -13.51 -22.44
CA ALA B 161 8.85 -14.65 -21.90
C ALA B 161 8.49 -14.45 -20.43
N THR B 162 9.49 -14.08 -19.62
CA THR B 162 9.28 -13.95 -18.17
C THR B 162 8.42 -12.74 -17.82
N TYR B 163 8.69 -11.59 -18.45
CA TYR B 163 7.88 -10.39 -18.13
C TYR B 163 6.47 -10.42 -18.68
N SER B 164 6.27 -11.10 -19.81
CA SER B 164 4.91 -11.26 -20.33
C SER B 164 4.10 -12.11 -19.35
N GLU B 165 4.73 -13.13 -18.79
CA GLU B 165 4.10 -13.96 -17.74
C GLU B 165 3.76 -13.14 -16.49
N LEU B 166 4.67 -12.26 -16.10
CA LEU B 166 4.43 -11.38 -14.95
C LEU B 166 3.19 -10.53 -15.20
N PHE B 167 3.14 -9.88 -16.36
CA PHE B 167 2.00 -8.98 -16.64
C PHE B 167 0.66 -9.70 -16.76
N ASP B 168 0.70 -10.89 -17.36
CA ASP B 168 -0.50 -11.75 -17.42
C ASP B 168 -1.01 -12.02 -16.01
N SER B 169 -0.09 -12.37 -15.10
CA SER B 169 -0.43 -12.64 -13.71
C SER B 169 -0.95 -11.40 -13.00
N LEU B 170 -0.33 -10.25 -13.24
CA LEU B 170 -0.74 -9.03 -12.58
C LEU B 170 -2.16 -8.62 -13.00
N GLU B 171 -2.48 -8.85 -14.28
CA GLU B 171 -3.83 -8.55 -14.78
C GLU B 171 -4.87 -9.32 -14.00
N LYS B 172 -4.61 -10.61 -13.78
CA LYS B 172 -5.54 -11.48 -13.05
C LYS B 172 -5.69 -11.00 -11.61
N GLU B 173 -4.57 -10.66 -10.99
CA GLU B 173 -4.57 -10.16 -9.61
C GLU B 173 -5.38 -8.85 -9.48
N LEU B 174 -5.21 -7.95 -10.45
CA LEU B 174 -5.91 -6.65 -10.45
C LEU B 174 -7.42 -6.89 -10.46
N SER B 175 -7.84 -7.81 -11.30
CA SER B 175 -9.26 -8.11 -11.47
C SER B 175 -9.89 -8.73 -10.21
N LEU B 176 -9.09 -9.43 -9.43
CA LEU B 176 -9.56 -10.05 -8.18
C LEU B 176 -9.58 -9.08 -7.01
N LYS B 177 -8.50 -8.30 -6.88
CA LYS B 177 -8.23 -7.58 -5.64
C LYS B 177 -8.40 -6.07 -5.77
N GLY B 178 -8.47 -5.59 -7.00
CA GLY B 178 -8.62 -4.16 -7.26
C GLY B 178 -7.29 -3.44 -7.35
N LYS B 179 -6.22 -4.16 -7.00
CA LYS B 179 -4.84 -3.70 -7.18
C LYS B 179 -3.94 -4.90 -7.42
N ALA B 180 -2.77 -4.66 -8.02
CA ALA B 180 -1.84 -5.76 -8.31
C ALA B 180 -0.46 -5.37 -7.81
N ASP B 181 0.11 -6.21 -6.96
CA ASP B 181 1.36 -5.89 -6.30
C ASP B 181 2.53 -6.16 -7.24
N PHE B 182 2.95 -5.12 -7.96
CA PHE B 182 4.10 -5.27 -8.83
C PHE B 182 5.36 -5.72 -8.08
N GLY B 183 5.68 -5.02 -7.00
CA GLY B 183 6.87 -5.34 -6.19
C GLY B 183 6.87 -6.78 -5.71
N GLY B 184 5.71 -7.26 -5.28
CA GLY B 184 5.58 -8.60 -4.71
C GLY B 184 5.76 -9.79 -5.64
N SER B 185 5.54 -9.58 -6.94
CA SER B 185 5.74 -10.63 -7.95
C SER B 185 6.98 -10.40 -8.80
N SER B 186 7.34 -9.14 -8.98
CA SER B 186 8.41 -8.81 -9.93
C SER B 186 9.80 -9.26 -9.48
N ASP B 187 9.98 -9.47 -8.18
CA ASP B 187 11.25 -9.97 -7.66
C ASP B 187 11.55 -11.40 -8.15
N GLY B 188 10.54 -12.26 -8.13
CA GLY B 188 10.69 -13.60 -8.71
C GLY B 188 10.94 -13.55 -10.21
N THR B 189 10.17 -12.72 -10.92
CA THR B 189 10.35 -12.56 -12.36
C THR B 189 11.78 -12.15 -12.69
N ALA B 190 12.30 -11.16 -11.96
CA ALA B 190 13.66 -10.69 -12.19
C ALA B 190 14.68 -11.81 -12.03
N PHE B 191 14.57 -12.56 -10.93
CA PHE B 191 15.54 -13.64 -10.74
C PHE B 191 15.42 -14.71 -11.82
N ASN B 192 14.19 -15.08 -12.15
CA ASN B 192 13.95 -16.05 -13.18
C ASN B 192 14.53 -15.62 -14.53
N PHE B 193 14.27 -14.36 -14.89
CA PHE B 193 14.85 -13.77 -16.09
C PHE B 193 16.39 -13.84 -16.08
N LEU B 194 17.02 -13.40 -14.99
CA LEU B 194 18.48 -13.43 -14.93
C LEU B 194 19.03 -14.83 -15.05
N ALA B 195 18.41 -15.79 -14.35
CA ALA B 195 18.91 -17.17 -14.41
C ALA B 195 18.77 -17.74 -15.83
N ARG B 196 17.65 -17.41 -16.48
CA ARG B 196 17.42 -17.87 -17.84
C ARG B 196 18.33 -17.19 -18.87
N ALA B 197 18.52 -15.87 -18.75
CA ALA B 197 19.36 -15.15 -19.69
C ALA B 197 20.85 -15.41 -19.50
N PHE B 198 21.31 -15.36 -18.24
CA PHE B 198 22.72 -15.53 -17.97
C PHE B 198 23.17 -16.99 -18.07
N TYR B 199 22.34 -17.90 -17.56
CA TYR B 199 22.75 -19.32 -17.38
C TYR B 199 21.90 -20.35 -18.12
N GLY B 200 20.93 -19.89 -18.89
CA GLY B 200 20.03 -20.81 -19.60
C GLY B 200 19.32 -21.77 -18.66
N THR B 201 19.06 -21.32 -17.43
CA THR B 201 18.51 -22.18 -16.39
C THR B 201 17.25 -21.56 -15.81
N ASN B 202 16.18 -22.35 -15.79
CA ASN B 202 14.94 -21.94 -15.15
C ASN B 202 14.98 -22.40 -13.67
N PRO B 203 14.99 -21.46 -12.71
CA PRO B 203 15.04 -21.89 -11.29
C PRO B 203 13.92 -22.87 -10.87
N ALA B 204 12.75 -22.79 -11.51
CA ALA B 204 11.65 -23.72 -11.26
C ALA B 204 12.02 -25.19 -11.55
N ASP B 205 13.01 -25.39 -12.42
CA ASP B 205 13.50 -26.75 -12.74
C ASP B 205 14.60 -27.22 -11.79
N THR B 206 14.91 -26.44 -10.76
CA THR B 206 16.01 -26.74 -9.83
C THR B 206 15.53 -26.78 -8.38
N LYS B 207 16.42 -27.18 -7.48
CA LYS B 207 16.12 -27.20 -6.04
C LYS B 207 15.77 -25.81 -5.46
N LEU B 208 16.17 -24.75 -6.15
CA LEU B 208 15.83 -23.39 -5.71
C LEU B 208 14.35 -23.08 -5.82
N LYS B 209 13.68 -23.75 -6.76
CA LYS B 209 12.25 -23.51 -7.01
C LYS B 209 11.99 -22.01 -7.16
N ALA B 210 11.12 -21.46 -6.32
CA ALA B 210 10.82 -20.03 -6.34
C ALA B 210 11.34 -19.32 -5.08
N ASP B 211 12.31 -19.95 -4.41
CA ASP B 211 12.82 -19.45 -3.12
C ASP B 211 13.88 -18.34 -3.21
N ALA B 212 14.43 -18.11 -4.40
CA ALA B 212 15.58 -17.17 -4.50
C ALA B 212 15.35 -15.79 -3.88
N PRO B 213 14.23 -15.13 -4.21
CA PRO B 213 14.06 -13.78 -3.64
C PRO B 213 14.17 -13.74 -2.12
N GLY B 214 13.54 -14.68 -1.42
CA GLY B 214 13.61 -14.68 0.05
C GLY B 214 15.03 -14.93 0.54
N LEU B 215 15.74 -15.86 -0.12
CA LEU B 215 17.12 -16.16 0.25
C LEU B 215 18.05 -14.99 0.04
N ILE B 216 17.95 -14.38 -1.14
CA ILE B 216 18.78 -13.21 -1.45
C ILE B 216 18.48 -12.06 -0.49
N THR B 217 17.20 -11.79 -0.23
CA THR B 217 16.80 -10.69 0.65
C THR B 217 17.43 -10.85 2.04
N LYS B 218 17.32 -12.05 2.61
CA LYS B 218 17.94 -12.30 3.93
C LYS B 218 19.45 -12.06 3.90
N TRP B 219 20.11 -12.60 2.88
CA TRP B 219 21.56 -12.46 2.78
C TRP B 219 21.94 -10.99 2.58
N VAL B 220 21.25 -10.29 1.68
CA VAL B 220 21.53 -8.86 1.50
C VAL B 220 21.35 -8.08 2.80
N LEU B 221 20.29 -8.39 3.56
N LEU B 221 20.31 -8.40 3.57
CA LEU B 221 20.07 -7.76 4.88
CA LEU B 221 20.08 -7.72 4.85
C LEU B 221 21.28 -7.95 5.79
C LEU B 221 21.20 -7.98 5.87
N PHE B 222 21.80 -9.17 5.84
CA PHE B 222 22.97 -9.45 6.68
C PHE B 222 24.18 -8.62 6.26
N ASN B 223 24.23 -8.27 4.98
CA ASN B 223 25.29 -7.40 4.48
C ASN B 223 25.07 -5.93 4.82
N LEU B 224 23.81 -5.48 4.67
CA LEU B 224 23.50 -4.05 4.59
C LEU B 224 22.76 -3.46 5.77
N HIS B 225 22.38 -4.29 6.74
CA HIS B 225 21.61 -3.80 7.89
C HIS B 225 22.18 -2.53 8.59
N PRO B 226 23.52 -2.35 8.67
CA PRO B 226 24.02 -1.15 9.34
C PRO B 226 23.64 0.15 8.65
N LEU B 227 23.15 0.04 7.41
CA LEU B 227 22.84 1.21 6.58
C LEU B 227 21.35 1.45 6.42
N LEU B 228 20.54 0.60 7.05
CA LEU B 228 19.12 0.55 6.77
C LEU B 228 18.28 0.73 8.01
N SER B 229 17.11 1.34 7.84
CA SER B 229 16.09 1.25 8.86
C SER B 229 14.91 0.51 8.26
N ILE B 230 14.35 -0.42 9.02
CA ILE B 230 13.09 -1.06 8.64
C ILE B 230 11.95 -0.19 9.19
N GLY B 231 10.97 -0.81 9.83
CA GLY B 231 9.86 -0.08 10.41
C GLY B 231 9.93 -0.03 11.93
N LEU B 232 11.00 -0.62 12.47
CA LEU B 232 11.12 -0.81 13.93
C LEU B 232 11.54 0.47 14.66
N PRO B 233 11.11 0.63 15.93
CA PRO B 233 11.46 1.80 16.74
C PRO B 233 12.96 1.90 17.06
N ARG B 234 13.44 3.14 17.21
CA ARG B 234 14.82 3.46 17.55
C ARG B 234 15.40 2.55 18.65
N VAL B 235 14.64 2.33 19.71
CA VAL B 235 15.15 1.58 20.86
C VAL B 235 15.37 0.08 20.57
N ILE B 236 14.68 -0.46 19.57
CA ILE B 236 14.94 -1.83 19.10
C ILE B 236 16.01 -1.82 18.02
N GLU B 237 15.82 -0.99 17.00
CA GLU B 237 16.74 -0.96 15.85
C GLU B 237 18.17 -0.63 16.20
N GLU B 238 18.37 0.36 17.05
CA GLU B 238 19.72 0.85 17.33
C GLU B 238 20.63 -0.27 17.87
N PRO B 239 20.23 -0.96 18.97
CA PRO B 239 21.07 -2.06 19.44
C PRO B 239 21.07 -3.31 18.56
N LEU B 240 19.98 -3.58 17.84
CA LEU B 240 19.83 -4.83 17.08
C LEU B 240 20.51 -4.84 15.71
N ILE B 241 20.43 -3.71 14.99
CA ILE B 241 21.02 -3.65 13.65
C ILE B 241 21.98 -2.49 13.37
N HIS B 242 22.11 -1.55 14.30
CA HIS B 242 22.97 -0.38 14.02
C HIS B 242 24.24 -0.30 14.87
N THR B 243 24.46 -1.27 15.76
CA THR B 243 25.60 -1.17 16.67
C THR B 243 26.66 -2.24 16.42
N PHE B 244 26.20 -3.46 16.14
CA PHE B 244 27.08 -4.59 15.85
C PHE B 244 26.61 -5.33 14.59
N SER B 245 27.53 -6.06 13.98
CA SER B 245 27.23 -6.88 12.81
C SER B 245 26.41 -8.10 13.18
N LEU B 246 25.38 -8.40 12.38
CA LEU B 246 24.65 -9.68 12.57
C LEU B 246 25.59 -10.83 12.22
N PRO B 247 25.55 -11.94 12.99
CA PRO B 247 26.53 -13.00 12.72
C PRO B 247 26.30 -13.71 11.38
N PRO B 248 27.32 -13.72 10.49
CA PRO B 248 27.16 -14.41 9.20
C PRO B 248 26.72 -15.89 9.27
N ALA B 249 27.04 -16.58 10.36
CA ALA B 249 26.62 -17.98 10.48
C ALA B 249 25.13 -18.20 10.33
N LEU B 250 24.32 -17.20 10.72
CA LEU B 250 22.86 -17.35 10.70
C LEU B 250 22.25 -17.30 9.30
N VAL B 251 23.06 -16.93 8.30
CA VAL B 251 22.57 -16.93 6.92
C VAL B 251 23.36 -17.90 6.02
N LYS B 252 24.29 -18.65 6.61
CA LYS B 252 25.19 -19.51 5.84
C LYS B 252 24.44 -20.58 5.04
N SER B 253 23.46 -21.22 5.67
CA SER B 253 22.69 -22.27 5.00
C SER B 253 21.87 -21.71 3.84
N ASP B 254 21.30 -20.52 4.00
CA ASP B 254 20.54 -19.89 2.94
C ASP B 254 21.46 -19.55 1.76
N TYR B 255 22.62 -18.98 2.08
CA TYR B 255 23.65 -18.69 1.08
C TYR B 255 24.10 -19.95 0.34
N GLN B 256 24.26 -21.04 1.08
CA GLN B 256 24.65 -22.33 0.50
C GLN B 256 23.68 -22.78 -0.61
N ARG B 257 22.38 -22.55 -0.41
CA ARG B 257 21.39 -22.91 -1.41
C ARG B 257 21.65 -22.15 -2.71
N LEU B 258 21.92 -20.84 -2.58
CA LEU B 258 22.23 -20.01 -3.73
C LEU B 258 23.52 -20.45 -4.37
N TYR B 259 24.54 -20.73 -3.55
CA TYR B 259 25.83 -21.15 -4.08
C TYR B 259 25.69 -22.41 -4.93
N GLU B 260 24.96 -23.40 -4.43
N GLU B 260 24.99 -23.41 -4.40
CA GLU B 260 24.82 -24.67 -5.17
CA GLU B 260 24.76 -24.66 -5.11
C GLU B 260 24.03 -24.50 -6.46
C GLU B 260 24.15 -24.38 -6.48
N PHE B 261 23.10 -23.56 -6.50
CA PHE B 261 22.42 -23.21 -7.74
C PHE B 261 23.39 -22.62 -8.77
N PHE B 262 24.19 -21.64 -8.36
CA PHE B 262 25.11 -21.00 -9.31
C PHE B 262 26.19 -21.96 -9.79
N LEU B 263 26.72 -22.75 -8.88
CA LEU B 263 27.73 -23.73 -9.24
C LEU B 263 27.19 -24.71 -10.29
N GLU B 264 25.97 -25.19 -10.09
CA GLU B 264 25.41 -26.20 -10.97
C GLU B 264 24.91 -25.64 -12.30
N SER B 265 24.58 -24.35 -12.32
CA SER B 265 23.95 -23.72 -13.50
C SER B 265 24.91 -22.95 -14.41
N ALA B 266 26.09 -22.61 -13.88
CA ALA B 266 26.98 -21.71 -14.60
C ALA B 266 28.06 -22.40 -15.43
N GLY B 267 27.79 -23.61 -15.89
CA GLY B 267 28.79 -24.43 -16.60
C GLY B 267 29.61 -23.73 -17.69
N GLU B 268 28.93 -23.10 -18.64
CA GLU B 268 29.63 -22.42 -19.75
C GLU B 268 30.57 -21.30 -19.25
N ILE B 269 30.09 -20.49 -18.30
N ILE B 269 30.09 -20.52 -18.29
CA ILE B 269 30.89 -19.39 -17.80
CA ILE B 269 30.85 -19.41 -17.74
C ILE B 269 32.04 -19.90 -16.89
C ILE B 269 32.04 -19.92 -16.94
N LEU B 270 31.84 -21.05 -16.25
CA LEU B 270 32.90 -21.66 -15.43
C LEU B 270 34.08 -22.15 -16.28
N VAL B 271 33.81 -22.49 -17.54
CA VAL B 271 34.89 -22.86 -18.46
C VAL B 271 35.74 -21.63 -18.78
N GLU B 272 35.11 -20.47 -18.91
CA GLU B 272 35.86 -19.25 -19.06
C GLU B 272 36.67 -18.94 -17.79
N ALA B 273 36.08 -19.16 -16.61
CA ALA B 273 36.85 -19.01 -15.36
C ALA B 273 38.09 -19.91 -15.35
N ASP B 274 37.94 -21.16 -15.78
CA ASP B 274 39.09 -22.08 -15.92
C ASP B 274 40.20 -21.42 -16.74
N LYS B 275 39.82 -20.89 -17.90
CA LYS B 275 40.80 -20.28 -18.83
C LYS B 275 41.48 -19.05 -18.24
N LEU B 276 40.74 -18.28 -17.45
CA LEU B 276 41.24 -17.03 -16.86
C LEU B 276 42.14 -17.28 -15.64
N GLY B 277 42.24 -18.53 -15.22
CA GLY B 277 43.05 -18.88 -14.04
C GLY B 277 42.36 -18.71 -12.70
N ILE B 278 41.03 -18.64 -12.72
CA ILE B 278 40.20 -18.50 -11.51
C ILE B 278 39.66 -19.89 -11.10
N SER B 279 39.61 -20.18 -9.80
CA SER B 279 38.98 -21.41 -9.35
C SER B 279 37.47 -21.32 -9.60
N ARG B 280 36.81 -22.45 -9.79
CA ARG B 280 35.36 -22.43 -9.94
C ARG B 280 34.66 -21.94 -8.68
N GLU B 281 35.26 -22.24 -7.53
CA GLU B 281 34.74 -21.69 -6.26
C GLU B 281 34.73 -20.17 -6.26
N GLU B 282 35.87 -19.56 -6.57
CA GLU B 282 35.95 -18.10 -6.53
C GLU B 282 35.03 -17.52 -7.60
N ALA B 283 35.05 -18.11 -8.79
CA ALA B 283 34.14 -17.68 -9.86
C ALA B 283 32.70 -17.73 -9.41
N THR B 284 32.30 -18.82 -8.76
CA THR B 284 30.89 -19.01 -8.35
C THR B 284 30.44 -17.97 -7.32
N HIS B 285 31.27 -17.72 -6.31
CA HIS B 285 30.94 -16.64 -5.37
C HIS B 285 30.77 -15.30 -6.05
N ASN B 286 31.59 -15.05 -7.07
CA ASN B 286 31.51 -13.79 -7.82
C ASN B 286 30.30 -13.70 -8.75
N LEU B 287 29.94 -14.82 -9.37
CA LEU B 287 28.72 -14.87 -10.19
C LEU B 287 27.49 -14.73 -9.32
N LEU B 288 27.47 -15.39 -8.16
CA LEU B 288 26.38 -15.23 -7.21
C LEU B 288 26.26 -13.76 -6.82
N PHE B 289 27.37 -13.14 -6.41
CA PHE B 289 27.31 -11.75 -5.97
C PHE B 289 26.83 -10.82 -7.08
N ALA B 290 27.42 -10.96 -8.28
CA ALA B 290 27.08 -10.05 -9.38
C ALA B 290 25.62 -10.23 -9.80
N THR B 291 25.12 -11.45 -9.73
CA THR B 291 23.74 -11.74 -10.16
C THR B 291 22.74 -11.32 -9.10
N CYS B 292 23.05 -11.59 -7.83
CA CYS B 292 22.09 -11.44 -6.73
C CYS B 292 22.17 -10.06 -6.09
N PHE B 293 23.39 -9.64 -5.76
CA PHE B 293 23.61 -8.37 -5.08
C PHE B 293 23.57 -7.23 -6.08
N ASN B 294 24.46 -7.25 -7.08
CA ASN B 294 24.53 -6.15 -8.03
C ASN B 294 23.29 -6.08 -8.93
N THR B 295 23.02 -7.16 -9.67
CA THR B 295 21.99 -7.10 -10.72
C THR B 295 20.58 -7.16 -10.13
N TRP B 296 20.28 -8.24 -9.44
CA TRP B 296 18.92 -8.45 -8.92
C TRP B 296 18.56 -7.38 -7.89
N GLY B 297 19.53 -7.08 -7.01
CA GLY B 297 19.30 -6.02 -6.04
C GLY B 297 19.05 -4.65 -6.70
N GLY B 298 19.84 -4.32 -7.73
CA GLY B 298 19.65 -3.06 -8.45
C GLY B 298 18.29 -3.03 -9.14
N MET B 299 17.92 -4.16 -9.77
CA MET B 299 16.60 -4.23 -10.44
C MET B 299 15.44 -4.16 -9.45
N LYS B 300 15.64 -4.71 -8.25
CA LYS B 300 14.64 -4.66 -7.19
C LYS B 300 14.27 -3.22 -6.82
N ILE B 301 15.26 -2.33 -6.87
CA ILE B 301 15.01 -0.91 -6.62
C ILE B 301 14.49 -0.24 -7.89
N LEU B 302 15.19 -0.47 -9.00
CA LEU B 302 14.93 0.28 -10.24
C LEU B 302 13.55 0.07 -10.82
N PHE B 303 13.16 -1.19 -11.01
CA PHE B 303 11.92 -1.45 -11.78
C PHE B 303 10.69 -0.91 -11.05
N PRO B 304 10.52 -1.17 -9.74
CA PRO B 304 9.37 -0.52 -9.08
C PRO B 304 9.42 1.00 -9.12
N ASN B 305 10.59 1.60 -8.97
CA ASN B 305 10.71 3.07 -9.09
C ASN B 305 10.28 3.56 -10.48
N MET B 306 10.64 2.79 -11.52
CA MET B 306 10.23 3.13 -12.89
C MET B 306 8.71 3.08 -13.02
N VAL B 307 8.08 2.04 -12.45
CA VAL B 307 6.63 1.94 -12.48
C VAL B 307 5.99 3.13 -11.78
N LYS B 308 6.51 3.49 -10.61
CA LYS B 308 6.01 4.62 -9.83
C LYS B 308 6.12 5.92 -10.62
N ARG B 309 7.31 6.23 -11.12
CA ARG B 309 7.57 7.54 -11.75
C ARG B 309 6.93 7.67 -13.11
N ILE B 310 7.01 6.60 -13.91
CA ILE B 310 6.34 6.62 -15.19
C ILE B 310 4.83 6.68 -14.97
N GLY B 311 4.34 5.94 -13.96
CA GLY B 311 2.92 6.00 -13.60
C GLY B 311 2.47 7.43 -13.31
N ARG B 312 3.22 8.12 -12.47
CA ARG B 312 2.86 9.49 -12.07
C ARG B 312 3.01 10.51 -13.20
N ALA B 313 3.73 10.14 -14.26
CA ALA B 313 3.89 11.02 -15.43
C ALA B 313 2.58 11.25 -16.21
N GLY B 314 1.61 10.36 -16.00
CA GLY B 314 0.27 10.55 -16.54
C GLY B 314 0.00 9.89 -17.87
N HIS B 315 -1.28 9.82 -18.21
CA HIS B 315 -1.75 9.05 -19.35
C HIS B 315 -1.31 9.61 -20.71
N GLN B 316 -1.11 10.92 -20.82
CA GLN B 316 -0.70 11.49 -22.09
C GLN B 316 0.70 11.02 -22.46
N VAL B 317 1.59 11.00 -21.46
CA VAL B 317 2.94 10.46 -21.63
C VAL B 317 2.86 8.98 -21.97
N HIS B 318 2.00 8.25 -21.26
CA HIS B 318 1.81 6.82 -21.54
C HIS B 318 1.40 6.60 -22.98
N ASN B 319 0.44 7.40 -23.45
CA ASN B 319 -0.02 7.28 -24.82
C ASN B 319 1.08 7.58 -25.84
N ARG B 320 1.91 8.59 -25.56
CA ARG B 320 3.01 8.93 -26.47
C ARG B 320 4.04 7.79 -26.53
N LEU B 321 4.34 7.19 -25.38
CA LEU B 321 5.26 6.06 -25.34
C LEU B 321 4.70 4.88 -26.14
N ALA B 322 3.43 4.55 -25.91
CA ALA B 322 2.78 3.44 -26.60
C ALA B 322 2.82 3.67 -28.13
N GLU B 323 2.52 4.89 -28.55
CA GLU B 323 2.52 5.19 -29.98
C GLU B 323 3.91 5.03 -30.59
N GLU B 324 4.91 5.61 -29.93
CA GLU B 324 6.30 5.50 -30.39
C GLU B 324 6.75 4.05 -30.52
N ILE B 325 6.58 3.30 -29.44
CA ILE B 325 7.09 1.92 -29.36
C ILE B 325 6.43 1.02 -30.41
N ARG B 326 5.11 1.04 -30.47
CA ARG B 326 4.36 0.18 -31.39
C ARG B 326 4.63 0.55 -32.85
N SER B 327 4.69 1.86 -33.13
CA SER B 327 4.95 2.34 -34.49
C SER B 327 6.36 1.93 -34.98
N VAL B 328 7.36 2.12 -34.12
CA VAL B 328 8.73 1.74 -34.49
C VAL B 328 8.84 0.24 -34.75
N ILE B 329 8.23 -0.58 -33.90
CA ILE B 329 8.26 -2.03 -34.11
C ILE B 329 7.55 -2.43 -35.40
N LYS B 330 6.42 -1.80 -35.66
CA LYS B 330 5.67 -2.07 -36.89
C LYS B 330 6.52 -1.73 -38.12
N SER B 331 7.13 -0.56 -38.11
CA SER B 331 7.97 -0.09 -39.23
C SER B 331 9.21 -0.94 -39.41
N ASN B 332 9.60 -1.64 -38.33
CA ASN B 332 10.78 -2.51 -38.32
C ASN B 332 10.46 -3.94 -38.77
N GLY B 333 9.29 -4.14 -39.37
CA GLY B 333 8.90 -5.47 -39.84
C GLY B 333 8.29 -6.35 -38.78
N GLY B 334 7.91 -5.75 -37.65
CA GLY B 334 7.15 -6.45 -36.61
C GLY B 334 7.94 -7.16 -35.53
N GLU B 335 9.28 -7.01 -35.55
CA GLU B 335 10.14 -7.60 -34.53
C GLU B 335 11.04 -6.54 -33.89
N LEU B 336 11.38 -6.76 -32.62
CA LEU B 336 12.18 -5.81 -31.85
C LEU B 336 13.67 -6.10 -31.97
N THR B 337 14.43 -5.11 -32.42
CA THR B 337 15.88 -5.22 -32.56
C THR B 337 16.55 -4.07 -31.82
N MET B 338 17.85 -4.19 -31.61
CA MET B 338 18.63 -3.11 -31.01
C MET B 338 18.50 -1.81 -31.79
N GLY B 339 18.53 -1.91 -33.12
CA GLY B 339 18.34 -0.74 -33.97
C GLY B 339 16.99 -0.06 -33.79
N ALA B 340 15.95 -0.86 -33.61
CA ALA B 340 14.60 -0.33 -33.38
C ALA B 340 14.59 0.46 -32.10
N ILE B 341 15.18 -0.11 -31.04
CA ILE B 341 15.22 0.56 -29.75
C ILE B 341 15.89 1.94 -29.89
N GLU B 342 16.95 2.03 -30.68
CA GLU B 342 17.61 3.33 -30.89
C GLU B 342 16.74 4.40 -31.56
N LYS B 343 15.67 4.00 -32.24
CA LYS B 343 14.74 4.95 -32.85
C LYS B 343 13.65 5.42 -31.87
N MET B 344 13.60 4.79 -30.70
CA MET B 344 12.55 5.09 -29.73
C MET B 344 13.02 6.19 -28.81
N GLU B 345 12.99 7.41 -29.32
CA GLU B 345 13.58 8.55 -28.62
C GLU B 345 12.96 8.86 -27.26
N LEU B 346 11.63 8.88 -27.18
CA LEU B 346 11.02 9.18 -25.88
C LEU B 346 11.29 8.04 -24.88
N THR B 347 11.26 6.81 -25.37
CA THR B 347 11.52 5.63 -24.54
C THR B 347 12.93 5.70 -23.96
N LYS B 348 13.93 6.01 -24.80
CA LYS B 348 15.31 6.10 -24.30
C LYS B 348 15.42 7.21 -23.26
N SER B 349 14.75 8.31 -23.55
CA SER B 349 14.81 9.48 -22.67
C SER B 349 14.17 9.19 -21.32
N VAL B 350 12.99 8.58 -21.32
N VAL B 350 13.00 8.57 -21.31
CA VAL B 350 12.30 8.30 -20.06
CA VAL B 350 12.32 8.34 -20.03
C VAL B 350 13.17 7.41 -19.17
C VAL B 350 13.07 7.32 -19.15
N VAL B 351 13.80 6.40 -19.77
CA VAL B 351 14.68 5.48 -19.00
C VAL B 351 15.85 6.25 -18.38
N TYR B 352 16.50 7.11 -19.16
CA TYR B 352 17.57 7.93 -18.64
C TYR B 352 17.05 8.85 -17.53
N GLU B 353 15.82 9.36 -17.70
CA GLU B 353 15.23 10.25 -16.70
C GLU B 353 14.90 9.53 -15.39
N CYS B 354 14.52 8.27 -15.47
CA CYS B 354 14.30 7.49 -14.25
C CYS B 354 15.63 7.37 -13.51
N LEU B 355 16.70 7.08 -14.27
CA LEU B 355 18.02 6.89 -13.68
C LEU B 355 18.60 8.19 -13.11
N ARG B 356 18.32 9.33 -13.76
CA ARG B 356 18.79 10.62 -13.24
C ARG B 356 17.98 11.02 -11.99
N PHE B 357 16.66 10.91 -12.10
CA PHE B 357 15.77 11.44 -11.06
C PHE B 357 15.93 10.67 -9.75
N GLU B 358 16.07 9.35 -9.85
CA GLU B 358 16.19 8.51 -8.67
C GLU B 358 17.22 7.42 -8.92
N PRO B 359 18.52 7.80 -8.80
CA PRO B 359 19.57 6.79 -8.95
C PRO B 359 19.27 5.62 -8.02
N PRO B 360 19.26 4.38 -8.54
CA PRO B 360 18.90 3.26 -7.65
C PRO B 360 19.85 3.02 -6.50
N VAL B 361 21.14 3.27 -6.73
CA VAL B 361 22.17 3.06 -5.70
C VAL B 361 22.76 4.44 -5.44
N THR B 362 22.49 4.95 -4.23
CA THR B 362 22.66 6.37 -3.99
C THR B 362 23.96 6.78 -3.34
N ALA B 363 24.67 5.83 -2.77
CA ALA B 363 25.87 6.15 -1.99
C ALA B 363 27.14 5.62 -2.64
N GLN B 364 28.03 6.54 -3.03
CA GLN B 364 29.34 6.17 -3.58
C GLN B 364 30.44 6.78 -2.72
N TYR B 365 31.47 5.97 -2.44
CA TYR B 365 32.59 6.39 -1.61
C TYR B 365 33.90 6.20 -2.37
N GLY B 366 34.91 6.95 -1.95
CA GLY B 366 36.26 6.82 -2.49
C GLY B 366 37.24 7.45 -1.51
N ARG B 367 38.38 6.79 -1.29
CA ARG B 367 39.37 7.30 -0.34
C ARG B 367 40.47 8.05 -1.06
N ALA B 368 40.68 9.31 -0.68
CA ALA B 368 41.67 10.12 -1.40
C ALA B 368 43.06 9.46 -1.34
N LYS B 369 43.66 9.29 -2.52
CA LYS B 369 44.96 8.61 -2.67
C LYS B 369 46.13 9.58 -2.46
N LYS B 370 45.83 10.87 -2.61
CA LYS B 370 46.83 11.94 -2.57
C LYS B 370 46.06 13.20 -2.21
N ASP B 371 46.78 14.28 -1.91
CA ASP B 371 46.10 15.55 -1.69
C ASP B 371 45.39 16.00 -2.96
N LEU B 372 44.17 16.50 -2.79
CA LEU B 372 43.34 16.95 -3.91
C LEU B 372 42.81 18.36 -3.70
N VAL B 373 42.54 19.04 -4.81
CA VAL B 373 41.73 20.25 -4.79
C VAL B 373 40.47 19.91 -5.56
N ILE B 374 39.35 19.87 -4.85
CA ILE B 374 38.07 19.50 -5.41
C ILE B 374 37.25 20.73 -5.71
N GLU B 375 36.88 20.90 -6.97
CA GLU B 375 36.06 22.04 -7.37
C GLU B 375 34.57 21.76 -7.21
N SER B 376 33.89 22.68 -6.56
CA SER B 376 32.44 22.72 -6.57
C SER B 376 32.00 23.86 -7.52
N HIS B 377 30.74 24.25 -7.48
CA HIS B 377 30.26 25.31 -8.38
C HIS B 377 30.82 26.69 -8.04
N ASP B 378 30.97 26.98 -6.75
CA ASP B 378 31.33 28.34 -6.30
C ASP B 378 32.65 28.42 -5.53
N ALA B 379 33.22 27.28 -5.18
CA ALA B 379 34.47 27.25 -4.40
C ALA B 379 35.24 25.97 -4.67
N ALA B 380 36.52 25.97 -4.27
CA ALA B 380 37.35 24.77 -4.34
C ALA B 380 37.85 24.41 -2.95
N PHE B 381 38.10 23.13 -2.71
CA PHE B 381 38.35 22.63 -1.37
C PHE B 381 39.55 21.70 -1.36
N LYS B 382 40.42 21.89 -0.38
CA LYS B 382 41.56 21.00 -0.21
C LYS B 382 41.22 19.77 0.61
N VAL B 383 41.49 18.61 0.03
CA VAL B 383 41.32 17.34 0.68
C VAL B 383 42.68 16.67 0.82
N LYS B 384 42.91 16.07 1.99
CA LYS B 384 44.19 15.43 2.28
C LYS B 384 44.14 13.93 1.93
N ALA B 385 45.29 13.38 1.53
CA ALA B 385 45.40 11.95 1.30
C ALA B 385 44.88 11.16 2.51
N GLY B 386 44.04 10.16 2.24
CA GLY B 386 43.51 9.28 3.27
C GLY B 386 42.11 9.64 3.72
N GLU B 387 41.67 10.86 3.40
CA GLU B 387 40.30 11.25 3.75
C GLU B 387 39.29 10.47 2.91
N MET B 388 38.18 10.10 3.56
CA MET B 388 37.13 9.37 2.88
C MET B 388 36.17 10.36 2.24
N LEU B 389 36.03 10.26 0.93
CA LEU B 389 35.06 11.05 0.18
C LEU B 389 33.78 10.26 0.00
N TYR B 390 32.68 10.99 0.02
CA TYR B 390 31.36 10.38 -0.07
C TYR B 390 30.48 11.25 -0.97
N GLY B 391 29.69 10.60 -1.83
CA GLY B 391 28.68 11.33 -2.60
C GLY B 391 27.31 10.69 -2.46
N TYR B 392 26.31 11.55 -2.25
CA TYR B 392 24.91 11.18 -2.25
C TYR B 392 24.43 11.53 -3.64
N GLN B 393 24.38 10.50 -4.49
CA GLN B 393 24.20 10.72 -5.91
C GLN B 393 22.97 11.57 -6.31
N PRO B 394 21.79 11.37 -5.67
CA PRO B 394 20.63 12.18 -6.09
C PRO B 394 20.86 13.69 -6.07
N LEU B 395 21.75 14.19 -5.20
CA LEU B 395 22.00 15.62 -5.17
C LEU B 395 22.93 16.08 -6.30
N ALA B 396 23.71 15.14 -6.83
CA ALA B 396 24.53 15.39 -8.01
C ALA B 396 23.68 15.35 -9.30
N THR B 397 22.73 14.42 -9.35
CA THR B 397 21.93 14.26 -10.54
C THR B 397 20.66 15.12 -10.59
N ARG B 398 20.24 15.64 -9.43
CA ARG B 398 19.18 16.66 -9.37
C ARG B 398 19.77 18.03 -9.07
N ASP B 399 21.00 18.25 -9.52
CA ASP B 399 21.71 19.52 -9.29
C ASP B 399 21.09 20.60 -10.16
N PRO B 400 20.50 21.63 -9.52
CA PRO B 400 19.83 22.70 -10.27
C PRO B 400 20.78 23.62 -11.03
N LYS B 401 22.08 23.49 -10.78
CA LYS B 401 23.06 24.27 -11.53
C LYS B 401 23.47 23.54 -12.81
N ILE B 402 22.98 22.31 -12.96
CA ILE B 402 23.25 21.48 -14.14
C ILE B 402 21.97 21.26 -14.96
N PHE B 403 20.87 20.95 -14.26
CA PHE B 403 19.60 20.63 -14.90
C PHE B 403 18.54 21.68 -14.60
N ASP B 404 17.89 22.20 -15.65
CA ASP B 404 16.70 23.01 -15.44
C ASP B 404 15.59 22.11 -14.86
N ARG B 405 14.71 22.67 -14.04
CA ARG B 405 13.60 21.91 -13.46
C ARG B 405 14.11 20.59 -12.85
N ALA B 406 15.20 20.70 -12.11
CA ALA B 406 15.96 19.52 -11.67
C ALA B 406 15.19 18.56 -10.77
N ASP B 407 14.22 19.09 -10.01
CA ASP B 407 13.43 18.27 -9.09
C ASP B 407 12.11 17.80 -9.71
N GLU B 408 12.00 17.94 -11.02
CA GLU B 408 10.84 17.43 -11.75
C GLU B 408 11.24 16.29 -12.64
N PHE B 409 10.34 15.33 -12.80
CA PHE B 409 10.53 14.21 -13.70
C PHE B 409 10.03 14.68 -15.07
N VAL B 410 10.95 14.83 -16.02
CA VAL B 410 10.62 15.37 -17.35
C VAL B 410 10.94 14.27 -18.37
N PRO B 411 9.90 13.55 -18.83
CA PRO B 411 10.14 12.37 -19.68
C PRO B 411 11.04 12.66 -20.89
N GLU B 412 10.87 13.81 -21.52
CA GLU B 412 11.57 14.15 -22.75
C GLU B 412 12.94 14.82 -22.55
N ARG B 413 13.43 14.83 -21.30
CA ARG B 413 14.63 15.58 -20.95
C ARG B 413 15.83 15.28 -21.86
N PHE B 414 16.00 14.02 -22.26
CA PHE B 414 17.20 13.63 -22.99
C PHE B 414 17.00 13.42 -24.49
N VAL B 415 15.87 13.92 -25.01
CA VAL B 415 15.58 13.80 -26.44
C VAL B 415 16.38 14.83 -27.25
N GLY B 416 16.96 14.38 -28.35
CA GLY B 416 17.63 15.28 -29.30
C GLY B 416 19.07 15.55 -28.92
N GLU B 417 19.78 16.27 -29.79
CA GLU B 417 21.22 16.46 -29.62
C GLU B 417 21.58 17.25 -28.37
N GLU B 418 20.76 18.25 -28.05
CA GLU B 418 20.95 19.08 -26.85
C GLU B 418 20.70 18.27 -25.58
N GLY B 419 19.60 17.52 -25.55
CA GLY B 419 19.26 16.68 -24.41
C GLY B 419 20.30 15.59 -24.19
N GLU B 420 20.77 14.99 -25.29
CA GLU B 420 21.76 13.92 -25.24
C GLU B 420 23.10 14.37 -24.67
N LYS B 421 23.41 15.65 -24.82
CA LYS B 421 24.64 16.19 -24.24
C LYS B 421 24.64 16.06 -22.72
N LEU B 422 23.45 16.13 -22.12
CA LEU B 422 23.31 16.11 -20.66
C LEU B 422 23.56 14.72 -20.07
N LEU B 423 23.69 13.72 -20.93
CA LEU B 423 23.94 12.35 -20.46
C LEU B 423 25.23 12.18 -19.68
N ARG B 424 26.21 13.08 -19.89
CA ARG B 424 27.44 13.00 -19.11
C ARG B 424 27.19 13.24 -17.63
N HIS B 425 26.03 13.81 -17.30
CA HIS B 425 25.65 14.11 -15.91
C HIS B 425 24.71 13.08 -15.28
N VAL B 426 24.45 11.98 -16.01
CA VAL B 426 23.68 10.87 -15.48
C VAL B 426 24.71 9.84 -14.96
N LEU B 427 24.64 9.53 -13.67
CA LEU B 427 25.76 8.91 -12.97
C LEU B 427 25.45 7.57 -12.32
N TRP B 428 24.30 6.97 -12.67
CA TRP B 428 23.79 5.80 -11.94
C TRP B 428 24.82 4.67 -11.85
N SER B 429 25.62 4.55 -12.91
CA SER B 429 26.54 3.43 -13.08
C SER B 429 27.87 3.61 -12.37
N ASN B 430 27.98 4.64 -11.53
CA ASN B 430 29.29 5.05 -10.98
C ASN B 430 30.28 5.52 -12.05
N GLY B 431 29.73 6.27 -12.99
CA GLY B 431 30.52 6.97 -13.99
C GLY B 431 29.53 7.71 -14.87
N PRO B 432 30.03 8.62 -15.71
CA PRO B 432 29.12 9.32 -16.64
C PRO B 432 28.48 8.32 -17.60
N GLU B 433 27.23 8.56 -17.95
CA GLU B 433 26.51 7.67 -18.86
C GLU B 433 27.19 7.58 -20.24
N THR B 434 28.01 8.56 -20.54
CA THR B 434 28.71 8.66 -21.82
C THR B 434 29.98 7.80 -21.85
N GLU B 435 30.37 7.28 -20.69
CA GLU B 435 31.58 6.46 -20.59
C GLU B 435 31.23 4.98 -20.45
N THR B 436 32.23 4.13 -20.60
CA THR B 436 32.01 2.69 -20.63
C THR B 436 32.86 2.01 -19.55
N PRO B 437 32.29 0.97 -18.89
CA PRO B 437 33.09 0.25 -17.90
C PRO B 437 34.27 -0.47 -18.54
N THR B 438 35.37 -0.51 -17.80
CA THR B 438 36.58 -1.21 -18.25
C THR B 438 37.21 -1.92 -17.06
N VAL B 439 38.19 -2.79 -17.34
CA VAL B 439 38.97 -3.42 -16.27
C VAL B 439 39.77 -2.40 -15.45
N GLY B 440 39.93 -1.20 -15.99
CA GLY B 440 40.72 -0.15 -15.35
C GLY B 440 39.93 0.83 -14.52
N ASN B 441 38.61 0.77 -14.59
CA ASN B 441 37.79 1.64 -13.77
C ASN B 441 36.85 0.85 -12.86
N LYS B 442 36.07 1.57 -12.06
CA LYS B 442 35.10 0.95 -11.13
C LYS B 442 33.66 1.24 -11.55
N GLN B 443 33.46 1.58 -12.83
CA GLN B 443 32.12 1.75 -13.34
C GLN B 443 31.41 0.39 -13.42
N CYS B 444 30.09 0.39 -13.18
CA CYS B 444 29.27 -0.84 -13.23
C CYS B 444 29.61 -1.74 -14.41
N ALA B 445 29.96 -2.99 -14.15
CA ALA B 445 30.31 -3.93 -15.26
C ALA B 445 29.12 -4.17 -16.19
N GLY B 446 27.91 -4.01 -15.65
CA GLY B 446 26.68 -4.28 -16.38
C GLY B 446 25.98 -3.07 -16.95
N LYS B 447 26.72 -1.96 -17.09
CA LYS B 447 26.12 -0.68 -17.52
C LYS B 447 25.18 -0.79 -18.73
N ASP B 448 25.66 -1.39 -19.81
CA ASP B 448 24.85 -1.49 -21.03
C ASP B 448 23.66 -2.40 -20.86
N PHE B 449 23.85 -3.47 -20.07
CA PHE B 449 22.79 -4.45 -19.79
C PHE B 449 21.64 -3.78 -19.04
N VAL B 450 21.98 -2.97 -18.04
CA VAL B 450 20.93 -2.34 -17.24
C VAL B 450 20.09 -1.40 -18.09
N VAL B 451 20.75 -0.58 -18.90
CA VAL B 451 20.01 0.36 -19.73
C VAL B 451 19.14 -0.40 -20.75
N LEU B 452 19.68 -1.48 -21.31
CA LEU B 452 18.90 -2.33 -22.21
C LEU B 452 17.68 -2.92 -21.52
N VAL B 453 17.86 -3.55 -20.37
CA VAL B 453 16.71 -4.21 -19.76
C VAL B 453 15.66 -3.20 -19.26
N ALA B 454 16.10 -2.03 -18.80
CA ALA B 454 15.17 -0.96 -18.43
C ALA B 454 14.34 -0.53 -19.66
N ARG B 455 14.98 -0.43 -20.81
CA ARG B 455 14.26 -0.11 -22.05
C ARG B 455 13.30 -1.24 -22.41
N LEU B 456 13.78 -2.49 -22.31
CA LEU B 456 12.91 -3.63 -22.60
C LEU B 456 11.67 -3.66 -21.72
N PHE B 457 11.87 -3.25 -20.45
CA PHE B 457 10.78 -3.18 -19.49
C PHE B 457 9.72 -2.18 -19.93
N VAL B 458 10.15 -0.97 -20.29
CA VAL B 458 9.21 0.06 -20.77
C VAL B 458 8.50 -0.41 -22.05
N ILE B 459 9.27 -1.03 -22.95
CA ILE B 459 8.72 -1.58 -24.19
C ILE B 459 7.64 -2.65 -23.92
N GLU B 460 7.93 -3.59 -23.01
CA GLU B 460 6.95 -4.62 -22.67
C GLU B 460 5.68 -4.02 -22.09
N ILE B 461 5.82 -2.99 -21.26
CA ILE B 461 4.64 -2.34 -20.67
C ILE B 461 3.78 -1.74 -21.76
N PHE B 462 4.39 -0.93 -22.64
CA PHE B 462 3.59 -0.14 -23.58
C PHE B 462 3.22 -0.83 -24.88
N ARG B 463 3.83 -1.98 -25.17
CA ARG B 463 3.22 -2.78 -26.23
C ARG B 463 1.93 -3.50 -25.76
N ARG B 464 1.78 -3.64 -24.45
CA ARG B 464 0.57 -4.26 -23.84
C ARG B 464 -0.50 -3.28 -23.40
N TYR B 465 -0.07 -2.15 -22.83
CA TYR B 465 -0.98 -1.17 -22.21
C TYR B 465 -0.90 0.21 -22.85
N ASP B 466 -2.06 0.85 -22.99
CA ASP B 466 -2.09 2.24 -23.42
C ASP B 466 -1.71 3.17 -22.27
N SER B 467 -2.03 2.76 -21.05
CA SER B 467 -1.79 3.57 -19.87
C SER B 467 -2.02 2.72 -18.64
N PHE B 468 -1.58 3.24 -17.49
CA PHE B 468 -1.80 2.57 -16.22
C PHE B 468 -1.80 3.57 -15.07
N ASP B 469 -2.28 3.13 -13.92
CA ASP B 469 -2.28 3.93 -12.69
C ASP B 469 -1.57 3.14 -11.62
N ILE B 470 -0.88 3.87 -10.73
CA ILE B 470 -0.13 3.25 -9.66
C ILE B 470 -0.64 3.70 -8.28
N GLU B 471 -0.40 2.85 -7.28
CA GLU B 471 -0.74 3.15 -5.90
C GLU B 471 0.26 2.38 -5.05
N VAL B 472 0.90 3.07 -4.12
CA VAL B 472 1.77 2.40 -3.15
C VAL B 472 0.91 1.64 -2.15
N GLY B 473 1.30 0.38 -1.92
CA GLY B 473 0.67 -0.47 -0.91
C GLY B 473 1.51 -0.49 0.35
N THR B 474 0.84 -0.65 1.50
CA THR B 474 1.52 -0.68 2.78
C THR B 474 1.24 -2.01 3.46
N SER B 475 2.18 -2.41 4.31
CA SER B 475 2.03 -3.62 5.12
C SER B 475 2.99 -3.50 6.30
N PRO B 476 2.80 -4.34 7.33
CA PRO B 476 3.79 -4.42 8.41
C PRO B 476 5.20 -4.63 7.84
N LEU B 477 5.33 -5.57 6.91
CA LEU B 477 6.62 -5.96 6.34
C LEU B 477 7.15 -5.00 5.26
N GLY B 478 6.51 -3.84 5.11
CA GLY B 478 7.00 -2.81 4.19
C GLY B 478 6.05 -2.45 3.06
N SER B 479 6.37 -1.37 2.34
CA SER B 479 5.54 -0.87 1.26
C SER B 479 5.93 -1.46 -0.10
N SER B 480 5.01 -1.41 -1.06
CA SER B 480 5.25 -1.96 -2.39
C SER B 480 4.47 -1.15 -3.42
N VAL B 481 4.98 -1.05 -4.63
CA VAL B 481 4.28 -0.35 -5.70
C VAL B 481 3.24 -1.28 -6.32
N ASN B 482 1.99 -0.82 -6.35
CA ASN B 482 0.94 -1.59 -7.01
C ASN B 482 0.43 -0.88 -8.26
N PHE B 483 -0.11 -1.66 -9.19
CA PHE B 483 -0.99 -1.09 -10.23
C PHE B 483 -2.43 -1.04 -9.71
N SER B 484 -3.08 0.10 -9.87
CA SER B 484 -4.50 0.21 -9.55
C SER B 484 -5.35 0.20 -10.82
N SER B 485 -4.69 0.32 -11.97
CA SER B 485 -5.35 0.25 -13.27
C SER B 485 -4.35 -0.21 -14.35
N LEU B 486 -4.81 -1.07 -15.24
CA LEU B 486 -4.01 -1.50 -16.40
C LEU B 486 -4.88 -1.48 -17.64
N ARG B 487 -4.76 -0.43 -18.45
CA ARG B 487 -5.61 -0.25 -19.63
C ARG B 487 -5.01 -0.93 -20.86
N LYS B 488 -5.54 -2.10 -21.17
CA LYS B 488 -5.00 -2.94 -22.23
C LYS B 488 -5.28 -2.43 -23.63
N ALA B 489 -4.31 -2.64 -24.52
CA ALA B 489 -4.51 -2.66 -25.98
C ALA B 489 -5.25 -1.45 -26.55
CHA HEM C . -28.81 -1.35 11.25
CHB HEM C . -24.96 -0.02 8.60
CHC HEM C . -24.79 4.18 11.09
CHD HEM C . -28.33 2.71 13.97
C1A HEM C . -27.82 -1.35 10.30
C2A HEM C . -27.56 -2.41 9.34
C3A HEM C . -26.51 -2.04 8.59
C4A HEM C . -26.05 -0.74 9.07
CMA HEM C . -25.84 -2.83 7.45
CAA HEM C . -28.39 -3.71 9.23
CBA HEM C . -27.97 -4.71 10.32
CGA HEM C . -28.64 -6.05 10.07
O1A HEM C . -28.01 -6.88 9.37
O2A HEM C . -29.76 -6.30 10.57
C1B HEM C . -24.49 1.18 9.11
C2B HEM C . -23.27 1.89 8.76
C3B HEM C . -23.23 3.06 9.45
C4B HEM C . -24.42 3.12 10.28
CMB HEM C . -22.25 1.34 7.73
CAB HEM C . -22.17 4.17 9.44
CBB HEM C . -21.47 4.49 8.35
C1C HEM C . -25.83 4.23 11.98
C2C HEM C . -26.29 5.39 12.75
C3C HEM C . -27.27 4.98 13.56
C4C HEM C . -27.44 3.54 13.34
CMC HEM C . -25.76 6.83 12.58
CAC HEM C . -28.06 5.85 14.56
CBC HEM C . -29.36 5.65 14.71
C1D HEM C . -28.71 1.47 13.52
C2D HEM C . -29.69 0.66 14.17
C3D HEM C . -29.87 -0.58 13.35
C4D HEM C . -28.95 -0.42 12.24
CMD HEM C . -30.41 1.03 15.47
CAD HEM C . -30.86 -1.72 13.65
CBD HEM C . -32.19 -1.18 13.08
CGD HEM C . -33.40 -1.92 13.60
O1D HEM C . -33.25 -2.68 14.57
O2D HEM C . -34.51 -1.74 13.01
NA HEM C . -26.89 -0.33 10.11
NB HEM C . -25.13 1.96 10.05
NC HEM C . -26.56 3.11 12.34
ND HEM C . -28.28 0.79 12.37
FE HEM C . -26.91 1.52 11.01
OAS 243 D . -18.43 -6.43 6.42
CAA 243 D . -18.50 -7.46 7.17
OAT 243 D . -19.37 -8.35 7.06
CAB 243 D . -17.49 -7.64 8.31
CAC 243 D . -17.25 -6.36 9.13
CAD 243 D . -18.52 -5.76 9.73
CAE 243 D . -19.26 -6.80 10.60
CAF 243 D . -20.44 -6.16 11.32
CAG 243 D . -21.35 -7.23 11.91
CAH 243 D . -22.55 -6.56 12.54
CAI 243 D . -23.60 -6.14 11.52
CAJ 243 D . -23.95 -4.87 11.26
CAK 243 D . -23.36 -3.76 11.73
CAL 243 D . -23.79 -2.56 11.29
CAM 243 D . -23.09 -1.22 11.49
OAU 243 D . -24.05 -0.29 12.05
CAN 243 D . -21.89 -1.28 12.41
CAO 243 D . -20.66 -1.80 11.67
CAP 243 D . -19.41 -1.65 12.52
CAQ 243 D . -19.26 -2.70 13.59
CAR 243 D . -18.04 -2.34 14.41
C1 OCT E . -13.45 -32.14 23.87
C2 OCT E . -14.75 -31.58 23.20
C3 OCT E . -16.10 -31.77 24.16
C4 OCT E . -17.38 -31.33 23.42
C5 OCT E . -18.06 -32.78 22.57
C6 OCT E . -19.24 -32.19 21.71
C7 OCT E . -20.76 -32.42 22.34
C8 OCT E . -21.79 -32.48 21.21
C1 OCT F . -7.56 -7.78 28.26
C2 OCT F . -6.62 -8.39 27.24
C3 OCT F . -7.33 -9.44 26.39
C4 OCT F . -7.08 -9.22 24.90
C5 OCT F . -7.37 -10.49 24.11
C6 OCT F . -6.54 -10.54 22.83
C7 OCT F . -7.37 -11.07 21.66
C8 OCT F . -6.58 -10.99 20.37
C1 OCT G . -3.66 -5.53 17.76
C2 OCT G . -5.11 -5.11 17.90
C3 OCT G . -5.92 -5.53 16.68
C4 OCT G . -6.97 -4.48 16.32
C5 OCT G . -8.37 -5.06 16.41
C6 OCT G . -9.40 -4.14 15.75
C7 OCT G . -10.73 -4.87 15.54
C8 OCT G . -11.88 -3.89 15.63
CHA HEM H . 29.32 -1.66 -9.63
CHB HEM H . 24.74 -0.12 -9.87
CHC HEM H . 23.55 -4.09 -12.41
CHD HEM H . 27.99 -5.81 -11.90
C1A HEM H . 28.20 -0.87 -9.50
C2A HEM H . 28.15 0.44 -8.85
C3A HEM H . 26.89 0.86 -8.93
C4A HEM H . 26.10 -0.15 -9.63
CMA HEM H . 26.33 2.19 -8.37
CAA HEM H . 29.37 1.14 -8.20
CBA HEM H . 29.64 0.52 -6.82
CGA HEM H . 30.65 1.37 -6.06
O1A HEM H . 30.25 2.23 -5.24
O2A HEM H . 31.88 1.22 -6.26
C1B HEM H . 23.98 -1.11 -10.48
C2B HEM H . 22.54 -1.13 -10.63
C3B HEM H . 22.21 -2.24 -11.33
C4B HEM H . 23.43 -2.95 -11.65
CMB HEM H . 21.63 -0.05 -10.04
CAB HEM H . 20.82 -2.74 -11.75
CBB HEM H . 19.79 -1.90 -11.91
C1C HEM H . 24.68 -4.82 -12.66
C2C HEM H . 24.84 -5.92 -13.60
C3C HEM H . 26.09 -6.43 -13.46
C4C HEM H . 26.73 -5.64 -12.40
CMC HEM H . 23.77 -6.37 -14.61
CAC HEM H . 26.71 -7.61 -14.27
CBC HEM H . 28.02 -7.81 -14.35
C1D HEM H . 28.72 -4.87 -11.20
C2D HEM H . 30.11 -5.06 -10.81
C3D HEM H . 30.50 -3.79 -10.10
C4D HEM H . 29.34 -2.92 -10.16
CMD HEM H . 31.00 -6.30 -11.01
CAD HEM H . 31.90 -3.51 -9.55
CBD HEM H . 32.74 -3.05 -10.76
CGD HEM H . 34.23 -3.04 -10.49
O1D HEM H . 34.69 -3.57 -9.46
O2D HEM H . 34.95 -2.48 -11.33
NA HEM H . 26.94 -1.20 -9.94
NB HEM H . 24.46 -2.24 -11.09
NC HEM H . 25.87 -4.67 -11.96
ND HEM H . 28.32 -3.61 -10.80
FE HEM H . 26.48 -2.76 -11.24
C1 OCT I . 16.82 -17.75 12.38
C2 OCT I . 16.96 -16.44 11.60
C3 OCT I . 18.08 -15.48 12.18
C4 OCT I . 17.89 -14.00 11.76
C5 OCT I . 17.97 -13.07 13.12
C6 OCT I . 17.37 -11.69 12.83
C7 OCT I . 18.21 -10.54 13.51
C8 OCT I . 17.80 -9.10 13.12
C1 GOL J . 42.37 -19.11 -4.57
O1 GOL J . 41.90 -18.94 -3.25
C2 GOL J . 41.23 -18.75 -5.53
O2 GOL J . 40.19 -19.69 -5.37
C3 GOL J . 41.73 -18.84 -6.97
O3 GOL J . 40.69 -18.45 -7.86
#